data_2XAD
#
_entry.id   2XAD
#
_cell.length_a   58.775
_cell.length_b   70.713
_cell.length_c   76.313
_cell.angle_alpha   113.89
_cell.angle_beta   108.29
_cell.angle_gamma   98.20
#
_symmetry.space_group_name_H-M   'P 1'
#
loop_
_entity.id
_entity.type
_entity.pdbx_description
1 polymer 'N-ACYL GLM PEUDO-TEICOPLANIN DEACETYLASE'
2 polymer TEICOPLANIN
3 non-polymer beta-D-mannopyranose
4 non-polymer 2-acetamido-2-deoxy-beta-D-glucopyranose
5 non-polymer 2-amino-2-deoxy-beta-D-glucopyranose
6 non-polymer '8-METHYLNONANOIC ACID'
7 water water
#
loop_
_entity_poly.entity_id
_entity_poly.type
_entity_poly.pdbx_seq_one_letter_code
_entity_poly.pdbx_strand_id
1 'polypeptide(L)'
;(MSE)PHDPGATRLLAISPHLDDAVLSFGAGLAQAAQDGANVLVYTVFAGAAQPPYSPAAQR(MSE)HTIWGLAPDDDAV
LYRRKEDIAALDHLRVAHRHGRFLDSIYRKLPDGRWLTAHVEGRQKLAVNDHSPDSDHDLVGEVADDIRSIIDEFDPTLV
VTCAAIGEHPDNEATRDAALFATHEKNVPVRLWEDLPYAVFKSGAVELPQGFRLGSADVSSVKPE(MSE)RSQKFQAVER
YSSQ(MSE)VLLNGSENNLFDRLDEHARQNAPHGGYGETTWPVVRSDDS
;
A,B,C,D
2 'polypeptide(L)' (GHP)(3MY)(3FG)(GHP)(GHP)(OMY)(3FG) E,F,G,H
#
# COMPACT_ATOMS: atom_id res chain seq x y z
N ALA A 7 -7.00 31.60 -32.16
CA ALA A 7 -7.41 30.16 -32.25
C ALA A 7 -7.61 29.68 -30.80
N THR A 8 -8.53 28.74 -30.63
CA THR A 8 -8.95 28.29 -29.29
C THR A 8 -8.32 26.91 -29.16
N ARG A 9 -7.59 26.69 -28.07
CA ARG A 9 -6.90 25.38 -27.81
C ARG A 9 -7.47 24.86 -26.51
N LEU A 10 -8.31 23.84 -26.59
CA LEU A 10 -9.04 23.31 -25.42
C LEU A 10 -8.27 22.09 -24.94
N LEU A 11 -7.89 22.12 -23.66
CA LEU A 11 -7.15 20.99 -23.05
C LEU A 11 -8.13 20.39 -22.09
N ALA A 12 -8.60 19.18 -22.36
CA ALA A 12 -9.47 18.50 -21.42
C ALA A 12 -8.59 17.49 -20.69
N ILE A 13 -8.66 17.53 -19.36
CA ILE A 13 -7.85 16.66 -18.49
C ILE A 13 -8.76 15.59 -17.85
N SER A 14 -8.70 14.38 -18.42
CA SER A 14 -9.59 13.28 -17.97
C SER A 14 -8.81 12.46 -16.89
N PRO A 15 -9.46 12.11 -15.79
CA PRO A 15 -8.78 11.17 -14.89
C PRO A 15 -8.53 9.81 -15.45
N HIS A 16 -9.59 9.11 -15.96
CA HIS A 16 -9.48 7.78 -16.50
C HIS A 16 -9.85 7.79 -17.97
N LEU A 17 -9.50 6.68 -18.58
CA LEU A 17 -9.82 6.49 -20.03
C LEU A 17 -11.34 6.25 -20.23
N ASP A 18 -12.06 7.37 -20.46
CA ASP A 18 -13.50 7.51 -20.75
C ASP A 18 -14.12 8.71 -20.05
N ASP A 19 -13.44 9.26 -19.06
CA ASP A 19 -14.21 10.24 -18.21
C ASP A 19 -14.53 11.51 -18.98
N ALA A 20 -13.60 12.07 -19.74
CA ALA A 20 -13.86 13.27 -20.55
C ALA A 20 -15.00 13.02 -21.55
N VAL A 21 -15.03 11.83 -22.18
CA VAL A 21 -16.12 11.61 -23.14
C VAL A 21 -17.44 11.40 -22.43
N LEU A 22 -17.42 10.65 -21.37
CA LEU A 22 -18.64 10.41 -20.62
C LEU A 22 -19.19 11.70 -20.02
N SER A 23 -18.32 12.56 -19.51
CA SER A 23 -18.80 13.75 -18.82
C SER A 23 -18.95 14.96 -19.69
N PHE A 24 -18.16 15.03 -20.75
CA PHE A 24 -17.94 16.29 -21.47
C PHE A 24 -17.85 16.00 -22.99
N GLY A 25 -18.37 14.84 -23.41
CA GLY A 25 -18.26 14.36 -24.80
C GLY A 25 -19.00 15.33 -25.74
N ALA A 26 -20.13 15.83 -25.28
CA ALA A 26 -20.77 16.86 -26.11
C ALA A 26 -20.04 18.18 -26.21
N GLY A 27 -19.40 18.61 -25.12
CA GLY A 27 -18.54 19.82 -25.20
C GLY A 27 -17.33 19.63 -26.13
N LEU A 28 -16.69 18.45 -26.06
CA LEU A 28 -15.60 18.09 -26.94
C LEU A 28 -16.12 18.11 -28.40
N ALA A 29 -17.29 17.45 -28.61
CA ALA A 29 -17.90 17.36 -29.96
C ALA A 29 -18.23 18.76 -30.50
N GLN A 30 -18.84 19.59 -29.66
CA GLN A 30 -19.12 21.04 -30.03
C GLN A 30 -17.86 21.89 -30.32
N ALA A 31 -16.86 21.81 -29.46
CA ALA A 31 -15.57 22.43 -29.72
C ALA A 31 -14.96 22.00 -31.01
N ALA A 32 -14.93 20.71 -31.29
CA ALA A 32 -14.43 20.19 -32.53
C ALA A 32 -15.21 20.81 -33.71
N GLN A 33 -16.53 20.66 -33.68
CA GLN A 33 -17.47 21.26 -34.65
C GLN A 33 -17.18 22.77 -34.91
N ASP A 34 -16.82 23.53 -33.86
CA ASP A 34 -16.49 24.96 -33.95
C ASP A 34 -15.08 25.23 -34.46
N GLY A 35 -14.33 24.19 -34.81
CA GLY A 35 -12.95 24.34 -35.28
C GLY A 35 -11.88 24.55 -34.23
N ALA A 36 -12.24 24.36 -32.95
CA ALA A 36 -11.21 24.46 -31.89
C ALA A 36 -10.14 23.35 -32.06
N ASN A 37 -8.93 23.59 -31.55
CA ASN A 37 -7.89 22.58 -31.45
C ASN A 37 -8.07 21.90 -30.08
N VAL A 38 -8.43 20.61 -30.08
CA VAL A 38 -8.84 19.91 -28.85
C VAL A 38 -7.86 18.79 -28.50
N LEU A 39 -7.45 18.70 -27.19
CA LEU A 39 -6.54 17.62 -26.81
C LEU A 39 -7.09 17.08 -25.49
N VAL A 40 -7.35 15.77 -25.43
CA VAL A 40 -7.81 15.15 -24.19
C VAL A 40 -6.63 14.39 -23.66
N TYR A 41 -6.11 14.88 -22.52
CA TYR A 41 -4.97 14.24 -21.83
C TYR A 41 -5.56 13.42 -20.72
N THR A 42 -5.24 12.13 -20.66
CA THR A 42 -5.85 11.30 -19.59
C THR A 42 -4.72 11.03 -18.59
N VAL A 43 -4.91 11.47 -17.38
CA VAL A 43 -3.83 11.37 -16.38
C VAL A 43 -3.53 9.94 -15.94
N PHE A 44 -4.58 9.17 -15.57
CA PHE A 44 -4.35 7.83 -15.04
C PHE A 44 -4.45 6.78 -16.14
N ALA A 45 -3.66 6.98 -17.19
CA ALA A 45 -3.64 6.07 -18.36
C ALA A 45 -2.28 5.32 -18.33
N GLY A 46 -1.65 5.26 -17.20
CA GLY A 46 -0.29 4.58 -17.10
C GLY A 46 -0.43 3.09 -17.31
N ALA A 47 0.53 2.53 -18.01
CA ALA A 47 0.49 1.11 -18.34
C ALA A 47 0.93 0.28 -17.14
N ALA A 48 0.00 -0.45 -16.57
CA ALA A 48 0.28 -1.14 -15.32
C ALA A 48 1.04 -2.41 -15.59
N GLN A 49 2.03 -2.68 -14.75
CA GLN A 49 2.79 -3.90 -14.95
C GLN A 49 2.30 -4.91 -13.91
N PRO A 50 1.98 -6.12 -14.33
CA PRO A 50 1.63 -7.23 -13.44
C PRO A 50 2.77 -7.65 -12.48
N PRO A 51 2.46 -8.39 -11.43
CA PRO A 51 1.17 -9.02 -11.13
C PRO A 51 0.20 -7.95 -10.73
N TYR A 52 -1.07 -8.27 -10.88
CA TYR A 52 -2.13 -7.43 -10.40
C TYR A 52 -2.72 -7.88 -9.07
N SER A 53 -3.29 -6.93 -8.36
CA SER A 53 -3.93 -7.17 -7.13
C SER A 53 -5.18 -8.00 -7.34
N PRO A 54 -5.67 -8.60 -6.27
CA PRO A 54 -6.99 -9.26 -6.33
C PRO A 54 -8.09 -8.34 -6.83
N ALA A 55 -8.10 -7.08 -6.37
CA ALA A 55 -9.10 -6.17 -6.86
C ALA A 55 -9.00 -5.86 -8.35
N ALA A 56 -7.78 -5.63 -8.84
CA ALA A 56 -7.60 -5.36 -10.28
C ALA A 56 -8.01 -6.57 -11.06
N GLN A 57 -7.65 -7.76 -10.54
CA GLN A 57 -7.91 -8.94 -11.36
C GLN A 57 -9.42 -9.12 -11.46
N ARG A 58 -10.10 -8.86 -10.35
CA ARG A 58 -11.59 -8.91 -10.40
C ARG A 58 -12.19 -7.89 -11.36
N HIS A 60 -10.80 -6.62 -13.99
CA HIS A 60 -10.48 -6.98 -15.37
C HIS A 60 -11.50 -8.02 -15.87
N THR A 61 -11.82 -9.01 -15.01
CA THR A 61 -12.78 -10.04 -15.41
C THR A 61 -14.16 -9.43 -15.55
N ILE A 62 -14.53 -8.50 -14.68
CA ILE A 62 -15.80 -7.70 -14.83
C ILE A 62 -15.85 -6.98 -16.20
N TRP A 63 -14.72 -6.48 -16.66
CA TRP A 63 -14.60 -5.78 -17.94
C TRP A 63 -14.50 -6.72 -19.17
N GLY A 64 -14.60 -8.03 -18.95
CA GLY A 64 -14.54 -9.08 -20.01
C GLY A 64 -13.15 -9.46 -20.44
N LEU A 65 -12.16 -9.22 -19.59
CA LEU A 65 -10.77 -9.51 -19.93
C LEU A 65 -10.30 -10.73 -19.14
N ALA A 66 -9.34 -11.49 -19.65
CA ALA A 66 -8.60 -12.43 -18.78
C ALA A 66 -8.01 -11.59 -17.60
N PRO A 67 -7.99 -12.10 -16.35
CA PRO A 67 -7.59 -11.23 -15.23
C PRO A 67 -6.13 -10.70 -15.28
N ASP A 68 -5.25 -11.41 -15.99
CA ASP A 68 -3.85 -10.98 -16.15
C ASP A 68 -3.51 -10.24 -17.49
N ASP A 69 -4.54 -9.93 -18.25
CA ASP A 69 -4.44 -9.27 -19.56
C ASP A 69 -4.02 -7.83 -19.42
N ASP A 70 -3.54 -7.26 -20.52
CA ASP A 70 -3.07 -5.88 -20.48
C ASP A 70 -4.31 -4.98 -20.54
N ALA A 71 -4.95 -4.73 -19.40
CA ALA A 71 -6.20 -3.99 -19.44
C ALA A 71 -6.02 -2.55 -19.85
N VAL A 72 -4.94 -1.94 -19.41
CA VAL A 72 -4.69 -0.51 -19.76
C VAL A 72 -4.48 -0.39 -21.30
N LEU A 73 -3.70 -1.30 -21.92
CA LEU A 73 -3.59 -1.26 -23.36
C LEU A 73 -4.93 -1.33 -24.06
N TYR A 74 -5.80 -2.25 -23.67
CA TYR A 74 -7.16 -2.36 -24.19
C TYR A 74 -7.96 -1.07 -24.04
N ARG A 75 -7.88 -0.46 -22.88
CA ARG A 75 -8.52 0.82 -22.61
C ARG A 75 -7.99 1.97 -23.43
N ARG A 76 -6.68 2.02 -23.54
CA ARG A 76 -6.09 3.06 -24.33
C ARG A 76 -6.56 2.98 -25.80
N LYS A 77 -6.68 1.74 -26.30
CA LYS A 77 -7.18 1.60 -27.71
C LYS A 77 -8.63 2.04 -27.82
N GLU A 78 -9.43 1.77 -26.79
CA GLU A 78 -10.87 2.23 -26.81
C GLU A 78 -10.86 3.71 -26.80
N ASP A 79 -9.93 4.29 -26.03
CA ASP A 79 -9.90 5.80 -25.88
C ASP A 79 -9.54 6.45 -27.24
N ILE A 80 -8.58 5.87 -27.97
CA ILE A 80 -8.21 6.36 -29.28
C ILE A 80 -9.38 6.25 -30.23
N ALA A 81 -10.12 5.13 -30.18
CA ALA A 81 -11.32 4.92 -31.03
C ALA A 81 -12.40 6.00 -30.72
N ALA A 82 -12.64 6.24 -29.44
CA ALA A 82 -13.74 7.14 -29.00
C ALA A 82 -13.33 8.54 -29.37
N LEU A 83 -12.06 8.93 -29.23
CA LEU A 83 -11.65 10.31 -29.49
C LEU A 83 -11.47 10.58 -30.99
N ASP A 84 -11.05 9.57 -31.71
CA ASP A 84 -11.03 9.70 -33.19
C ASP A 84 -12.48 9.82 -33.69
N HIS A 85 -13.44 9.19 -33.02
CA HIS A 85 -14.88 9.37 -33.45
C HIS A 85 -15.27 10.82 -33.35
N LEU A 86 -14.79 11.49 -32.30
CA LEU A 86 -15.01 12.94 -32.11
C LEU A 86 -14.04 13.84 -32.87
N ARG A 87 -13.02 13.24 -33.52
CA ARG A 87 -12.05 13.95 -34.29
C ARG A 87 -11.19 14.89 -33.39
N VAL A 88 -10.90 14.41 -32.16
CA VAL A 88 -10.06 15.19 -31.25
C VAL A 88 -8.82 14.35 -30.83
N ALA A 89 -7.74 15.07 -30.48
CA ALA A 89 -6.45 14.40 -30.11
C ALA A 89 -6.49 13.74 -28.72
N HIS A 90 -5.59 12.77 -28.51
CA HIS A 90 -5.38 12.12 -27.20
C HIS A 90 -3.92 12.28 -26.77
N ARG A 91 -3.73 12.23 -25.46
CA ARG A 91 -2.42 12.12 -24.84
C ARG A 91 -2.58 11.21 -23.64
N HIS A 92 -1.80 10.11 -23.57
CA HIS A 92 -1.99 9.09 -22.47
C HIS A 92 -0.90 9.24 -21.45
N GLY A 93 -1.29 9.73 -20.27
CA GLY A 93 -0.36 10.02 -19.18
C GLY A 93 0.11 8.73 -18.48
N ARG A 94 0.97 8.90 -17.50
CA ARG A 94 1.74 7.80 -17.01
C ARG A 94 1.32 7.35 -15.64
N PHE A 95 0.28 7.98 -15.06
CA PHE A 95 -0.09 7.63 -13.64
C PHE A 95 -0.96 6.35 -13.68
N LEU A 96 -0.79 5.50 -12.68
CA LEU A 96 -1.55 4.23 -12.61
C LEU A 96 -2.92 4.43 -12.02
N ASP A 97 -3.94 3.87 -12.65
CA ASP A 97 -5.30 3.80 -12.10
C ASP A 97 -5.26 3.26 -10.63
N SER A 98 -6.21 3.69 -9.80
CA SER A 98 -6.24 3.32 -8.37
C SER A 98 -6.01 1.86 -8.12
N ILE A 99 -6.51 1.01 -9.02
CA ILE A 99 -6.43 -0.48 -8.82
C ILE A 99 -5.03 -1.04 -9.01
N TYR A 100 -4.08 -0.19 -9.47
CA TYR A 100 -2.73 -0.67 -9.74
C TYR A 100 -1.75 -0.05 -8.78
N ARG A 101 -2.24 0.95 -8.03
CA ARG A 101 -1.29 1.68 -7.10
C ARG A 101 -0.95 0.95 -5.80
N LYS A 102 0.31 1.10 -5.34
CA LYS A 102 0.70 0.64 -4.01
C LYS A 102 0.97 1.81 -3.06
N LEU A 103 0.67 1.58 -1.79
CA LEU A 103 0.87 2.52 -0.70
C LEU A 103 2.31 2.41 -0.28
N PRO A 104 2.83 3.46 0.39
CA PRO A 104 4.29 3.46 0.55
C PRO A 104 4.77 2.31 1.47
N ASP A 105 3.87 1.79 2.29
CA ASP A 105 4.08 0.61 3.15
C ASP A 105 3.86 -0.72 2.46
N GLY A 106 3.60 -0.70 1.14
CA GLY A 106 3.50 -1.91 0.31
C GLY A 106 2.10 -2.50 0.08
N ARG A 107 1.14 -2.03 0.88
CA ARG A 107 -0.22 -2.45 0.76
C ARG A 107 -0.71 -1.97 -0.63
N TRP A 108 -1.74 -2.64 -1.14
CA TRP A 108 -2.37 -2.13 -2.37
C TRP A 108 -3.13 -0.95 -1.93
N LEU A 109 -3.28 0.06 -2.82
CA LEU A 109 -4.09 1.20 -2.44
C LEU A 109 -5.54 0.79 -2.29
N THR A 110 -6.02 -0.07 -3.23
CA THR A 110 -7.41 -0.44 -3.21
C THR A 110 -7.53 -1.95 -2.91
N ALA A 111 -8.53 -2.24 -2.16
CA ALA A 111 -8.79 -3.64 -1.81
C ALA A 111 -10.06 -4.08 -2.45
N HIS A 112 -10.12 -5.37 -2.80
CA HIS A 112 -11.39 -5.95 -3.24
C HIS A 112 -12.30 -6.18 -2.05
N VAL A 113 -13.56 -5.77 -2.22
CA VAL A 113 -14.59 -6.11 -1.25
C VAL A 113 -15.72 -6.99 -1.88
N GLU A 114 -16.02 -8.09 -1.19
CA GLU A 114 -17.02 -9.04 -1.69
C GLU A 114 -18.39 -8.37 -1.82
N GLY A 115 -19.18 -8.88 -2.76
CA GLY A 115 -20.61 -8.55 -2.84
C GLY A 115 -20.92 -7.18 -3.39
N ARG A 116 -20.73 -7.02 -4.69
CA ARG A 116 -21.25 -5.86 -5.48
C ARG A 116 -20.48 -4.55 -5.30
N GLN A 117 -19.94 -4.33 -4.09
CA GLN A 117 -19.22 -3.12 -3.68
C GLN A 117 -17.94 -2.94 -4.48
N LYS A 118 -17.27 -4.06 -4.80
CA LYS A 118 -16.12 -4.05 -5.73
C LYS A 118 -14.84 -3.67 -5.04
N LEU A 119 -14.80 -2.36 -4.73
CA LEU A 119 -13.58 -1.67 -4.34
C LEU A 119 -13.84 -0.80 -3.19
N ALA A 120 -12.80 -0.62 -2.38
CA ALA A 120 -12.75 0.39 -1.36
C ALA A 120 -11.29 0.75 -1.27
N VAL A 121 -11.03 1.97 -0.90
CA VAL A 121 -9.62 2.40 -0.75
C VAL A 121 -9.02 2.05 0.65
N ASN A 122 -7.78 1.54 0.70
CA ASN A 122 -7.12 1.20 2.01
C ASN A 122 -6.85 2.49 2.80
N ASP A 123 -6.98 2.48 4.12
CA ASP A 123 -6.62 3.65 4.88
C ASP A 123 -5.15 3.90 4.75
N HIS A 124 -4.76 5.15 4.58
CA HIS A 124 -3.34 5.52 4.39
C HIS A 124 -3.10 6.97 4.79
N SER A 125 -1.85 7.35 4.99
CA SER A 125 -1.58 8.74 5.27
C SER A 125 -1.82 9.67 4.06
N PRO A 126 -2.32 10.90 4.30
CA PRO A 126 -2.48 11.90 3.22
C PRO A 126 -1.18 12.30 2.51
N ASP A 127 -0.02 12.09 3.15
CA ASP A 127 1.22 12.47 2.52
C ASP A 127 1.26 11.93 1.08
N SER A 128 0.87 10.66 0.88
CA SER A 128 1.04 10.05 -0.45
C SER A 128 0.01 10.66 -1.45
N ASP A 129 -1.16 11.11 -0.97
CA ASP A 129 -2.14 11.76 -1.81
C ASP A 129 -1.61 13.17 -2.22
N HIS A 130 -1.02 13.87 -1.27
CA HIS A 130 -0.47 15.18 -1.63
C HIS A 130 0.68 15.01 -2.61
N ASP A 131 1.56 14.00 -2.41
CA ASP A 131 2.70 13.80 -3.29
C ASP A 131 2.20 13.45 -4.71
N LEU A 132 1.08 12.71 -4.78
CA LEU A 132 0.52 12.39 -6.11
C LEU A 132 0.04 13.64 -6.83
N VAL A 133 -0.65 14.54 -6.10
CA VAL A 133 -1.05 15.78 -6.71
C VAL A 133 0.10 16.58 -7.25
N GLY A 134 1.19 16.65 -6.52
CA GLY A 134 2.30 17.47 -7.02
C GLY A 134 2.90 16.83 -8.25
N GLU A 135 2.89 15.51 -8.35
CA GLU A 135 3.40 14.87 -9.51
C GLU A 135 2.52 15.13 -10.75
N VAL A 136 1.21 14.96 -10.53
CA VAL A 136 0.29 15.19 -11.61
C VAL A 136 0.36 16.63 -11.99
N ALA A 137 0.43 17.52 -10.98
CA ALA A 137 0.57 18.93 -11.36
C ALA A 137 1.85 19.27 -12.22
N ASP A 138 2.98 18.61 -11.99
CA ASP A 138 4.15 18.82 -12.79
C ASP A 138 3.91 18.40 -14.25
N ASP A 139 3.19 17.26 -14.43
CA ASP A 139 2.91 16.77 -15.75
C ASP A 139 1.96 17.72 -16.45
N ILE A 140 0.96 18.24 -15.72
CA ILE A 140 0.01 19.16 -16.38
C ILE A 140 0.75 20.45 -16.80
N ARG A 141 1.63 20.93 -15.92
CA ARG A 141 2.39 22.20 -16.25
C ARG A 141 3.17 21.99 -17.50
N SER A 142 3.79 20.81 -17.68
CA SER A 142 4.57 20.56 -18.95
C SER A 142 3.69 20.52 -20.15
N ILE A 143 2.50 19.94 -20.02
CA ILE A 143 1.58 19.88 -21.13
C ILE A 143 1.08 21.31 -21.44
N ILE A 144 0.84 22.11 -20.40
CA ILE A 144 0.37 23.49 -20.63
C ILE A 144 1.44 24.24 -21.40
N ASP A 145 2.70 24.01 -21.03
CA ASP A 145 3.80 24.69 -21.75
C ASP A 145 3.84 24.25 -23.22
N GLU A 146 3.64 22.96 -23.47
CA GLU A 146 3.77 22.44 -24.82
C GLU A 146 2.58 22.81 -25.70
N PHE A 147 1.35 22.58 -25.22
CA PHE A 147 0.14 22.75 -26.00
C PHE A 147 -0.39 24.18 -25.98
N ASP A 148 -0.08 24.91 -24.92
CA ASP A 148 -0.54 26.31 -24.76
C ASP A 148 -2.02 26.48 -24.84
N PRO A 149 -2.78 25.75 -24.00
CA PRO A 149 -4.26 25.88 -24.09
C PRO A 149 -4.80 27.31 -23.77
N THR A 150 -5.89 27.66 -24.43
CA THR A 150 -6.62 28.89 -24.01
C THR A 150 -7.64 28.57 -22.92
N LEU A 151 -8.02 27.29 -22.79
CA LEU A 151 -8.98 26.85 -21.76
C LEU A 151 -8.65 25.43 -21.34
N VAL A 152 -8.68 25.18 -20.01
CA VAL A 152 -8.53 23.81 -19.48
C VAL A 152 -9.90 23.39 -18.86
N VAL A 153 -10.36 22.18 -19.16
CA VAL A 153 -11.55 21.66 -18.46
C VAL A 153 -11.19 20.34 -17.87
N THR A 154 -11.57 20.15 -16.60
CA THR A 154 -11.29 18.88 -15.99
C THR A 154 -12.44 18.48 -15.11
N CYS A 155 -12.25 17.48 -14.29
CA CYS A 155 -13.41 16.97 -13.50
C CYS A 155 -13.64 17.71 -12.18
N ALA A 156 -14.92 17.77 -11.74
CA ALA A 156 -15.26 18.23 -10.35
C ALA A 156 -14.96 17.23 -9.29
N ALA A 157 -14.77 15.94 -9.65
CA ALA A 157 -14.61 14.86 -8.73
C ALA A 157 -15.84 14.65 -7.83
N ILE A 158 -17.00 14.92 -8.39
CA ILE A 158 -18.29 14.42 -7.82
C ILE A 158 -18.19 12.92 -7.77
N GLY A 159 -18.53 12.31 -6.60
CA GLY A 159 -18.34 10.84 -6.42
C GLY A 159 -17.08 10.55 -5.63
N GLU A 160 -16.20 11.54 -5.50
CA GLU A 160 -14.96 11.42 -4.64
C GLU A 160 -14.01 10.28 -5.02
N HIS A 161 -13.93 9.94 -6.35
CA HIS A 161 -12.94 8.99 -6.72
C HIS A 161 -11.57 9.66 -6.41
N PRO A 162 -10.64 8.96 -5.73
CA PRO A 162 -9.32 9.57 -5.42
C PRO A 162 -8.52 9.96 -6.65
N ASP A 163 -8.70 9.25 -7.75
CA ASP A 163 -7.97 9.60 -8.97
C ASP A 163 -8.58 10.90 -9.54
N ASN A 164 -9.88 11.03 -9.44
CA ASN A 164 -10.49 12.25 -9.98
C ASN A 164 -10.13 13.44 -9.07
N GLU A 165 -10.18 13.25 -7.73
CA GLU A 165 -9.75 14.31 -6.84
C GLU A 165 -8.29 14.77 -7.11
N ALA A 166 -7.39 13.82 -7.34
CA ALA A 166 -5.98 14.19 -7.63
C ALA A 166 -5.87 14.95 -8.92
N THR A 167 -6.65 14.48 -9.94
CA THR A 167 -6.62 15.15 -11.22
C THR A 167 -7.09 16.64 -11.08
N ARG A 168 -8.27 16.78 -10.50
CA ARG A 168 -8.86 18.07 -10.26
C ARG A 168 -7.89 19.01 -9.49
N ASP A 169 -7.41 18.57 -8.32
CA ASP A 169 -6.51 19.43 -7.49
C ASP A 169 -5.27 19.84 -8.28
N ALA A 170 -4.60 18.85 -8.93
CA ALA A 170 -3.39 19.12 -9.73
C ALA A 170 -3.71 20.15 -10.82
N ALA A 171 -4.84 20.02 -11.49
CA ALA A 171 -5.23 20.93 -12.56
C ALA A 171 -5.44 22.32 -12.01
N LEU A 172 -6.08 22.41 -10.81
CA LEU A 172 -6.31 23.74 -10.23
C LEU A 172 -5.00 24.45 -9.91
N PHE A 173 -4.11 23.72 -9.26
CA PHE A 173 -2.78 24.33 -8.98
C PHE A 173 -2.02 24.69 -10.24
N ALA A 174 -2.03 23.82 -11.23
CA ALA A 174 -1.23 24.08 -12.42
C ALA A 174 -1.79 25.24 -13.23
N THR A 175 -3.11 25.25 -13.45
CA THR A 175 -3.75 26.33 -14.24
C THR A 175 -3.65 27.69 -13.48
N HIS A 176 -3.67 27.66 -12.15
CA HIS A 176 -3.55 28.95 -11.43
C HIS A 176 -2.13 29.50 -11.63
N GLU A 177 -1.13 28.61 -11.56
CA GLU A 177 0.26 29.09 -11.68
C GLU A 177 0.52 29.58 -13.11
N LYS A 178 -0.08 28.91 -14.09
CA LYS A 178 0.12 29.24 -15.50
C LYS A 178 -0.76 30.32 -16.06
N ASN A 179 -1.66 30.87 -15.26
CA ASN A 179 -2.65 31.87 -15.79
C ASN A 179 -3.51 31.37 -16.97
N VAL A 180 -4.05 30.16 -16.84
CA VAL A 180 -4.94 29.62 -17.84
C VAL A 180 -6.31 29.39 -17.16
N PRO A 181 -7.39 29.95 -17.70
CA PRO A 181 -8.67 29.70 -17.17
C PRO A 181 -9.01 28.22 -17.05
N VAL A 182 -9.72 27.87 -16.02
CA VAL A 182 -10.09 26.43 -15.84
C VAL A 182 -11.54 26.27 -15.46
N ARG A 183 -12.18 25.17 -15.93
CA ARG A 183 -13.53 24.86 -15.58
C ARG A 183 -13.62 23.41 -15.17
N LEU A 184 -14.67 23.08 -14.40
CA LEU A 184 -14.80 21.70 -13.96
C LEU A 184 -16.09 21.16 -14.55
N TRP A 185 -16.07 19.93 -15.12
CA TRP A 185 -17.34 19.35 -15.50
C TRP A 185 -17.99 18.53 -14.40
N GLU A 186 -19.30 18.39 -14.44
CA GLU A 186 -19.98 17.47 -13.62
C GLU A 186 -19.62 15.93 -13.97
N ASP A 187 -19.01 15.18 -13.07
CA ASP A 187 -18.56 13.77 -13.34
C ASP A 187 -19.79 12.92 -13.57
N LEU A 188 -19.83 12.23 -14.70
CA LEU A 188 -20.90 11.30 -14.99
C LEU A 188 -20.28 9.95 -15.03
N PRO A 189 -20.98 8.95 -14.52
CA PRO A 189 -22.38 9.04 -14.06
C PRO A 189 -22.62 9.48 -12.63
N TYR A 190 -21.56 9.68 -11.88
CA TYR A 190 -21.64 10.02 -10.46
C TYR A 190 -22.66 11.12 -10.14
N ALA A 191 -22.77 12.08 -11.02
CA ALA A 191 -23.64 13.26 -10.73
C ALA A 191 -25.08 12.85 -10.78
N VAL A 192 -25.39 11.72 -11.43
CA VAL A 192 -26.78 11.20 -11.49
C VAL A 192 -27.27 10.74 -10.14
N PHE A 193 -26.34 10.34 -9.29
CA PHE A 193 -26.69 9.72 -8.01
C PHE A 193 -25.99 10.26 -6.75
N LYS A 194 -25.13 11.28 -6.92
CA LYS A 194 -24.44 12.01 -5.85
C LYS A 194 -24.84 13.47 -5.83
N SER A 195 -24.66 14.09 -4.67
CA SER A 195 -25.10 15.47 -4.39
C SER A 195 -24.64 16.54 -5.42
N GLY A 196 -23.38 16.46 -5.84
CA GLY A 196 -22.80 17.51 -6.66
C GLY A 196 -21.87 18.41 -5.83
N ALA A 197 -22.06 18.44 -4.52
CA ALA A 197 -21.22 19.27 -3.64
C ALA A 197 -19.85 18.64 -3.51
N VAL A 198 -18.81 19.44 -3.77
CA VAL A 198 -17.46 18.99 -3.53
C VAL A 198 -16.67 20.01 -2.70
N GLU A 199 -15.60 19.53 -2.16
CA GLU A 199 -14.70 20.34 -1.37
C GLU A 199 -13.44 20.57 -2.16
N LEU A 200 -13.26 21.80 -2.63
CA LEU A 200 -12.07 22.17 -3.34
C LEU A 200 -10.94 22.48 -2.42
N PRO A 201 -9.71 22.36 -2.93
CA PRO A 201 -8.58 22.77 -2.16
C PRO A 201 -8.70 24.22 -1.66
N GLN A 202 -8.16 24.47 -0.49
CA GLN A 202 -8.31 25.78 0.15
C GLN A 202 -7.80 26.82 -0.82
N GLY A 203 -8.63 27.85 -0.97
CA GLY A 203 -8.26 29.02 -1.77
C GLY A 203 -9.02 29.05 -3.08
N PHE A 204 -9.63 27.90 -3.48
CA PHE A 204 -10.44 27.88 -4.71
C PHE A 204 -11.93 27.76 -4.43
N ARG A 205 -12.71 28.32 -5.35
CA ARG A 205 -14.16 28.24 -5.33
C ARG A 205 -14.83 28.14 -6.68
N LEU A 206 -16.01 27.52 -6.77
CA LEU A 206 -16.75 27.51 -8.01
C LEU A 206 -17.44 28.85 -8.29
N GLY A 207 -17.49 29.21 -9.57
CA GLY A 207 -18.35 30.30 -10.03
C GLY A 207 -19.72 29.76 -10.29
N SER A 208 -20.49 30.51 -11.08
CA SER A 208 -21.83 30.10 -11.45
C SER A 208 -21.76 28.97 -12.45
N ALA A 209 -22.62 27.97 -12.24
CA ALA A 209 -22.78 26.88 -13.21
C ALA A 209 -23.22 27.35 -14.58
N ASP A 210 -22.73 26.69 -15.62
CA ASP A 210 -23.25 26.89 -16.97
C ASP A 210 -23.81 25.54 -17.37
N VAL A 211 -25.07 25.51 -17.79
CA VAL A 211 -25.64 24.29 -18.30
C VAL A 211 -25.55 24.53 -19.81
N SER A 212 -24.74 23.75 -20.54
CA SER A 212 -24.61 23.99 -21.99
C SER A 212 -25.90 23.58 -22.71
N SER A 213 -26.11 24.11 -23.91
CA SER A 213 -27.19 23.59 -24.75
C SER A 213 -26.58 23.02 -26.04
N VAL A 214 -26.71 21.74 -26.21
CA VAL A 214 -26.10 21.11 -27.36
C VAL A 214 -27.17 20.55 -28.29
N LYS A 215 -26.97 20.78 -29.60
CA LYS A 215 -27.76 20.16 -30.67
C LYS A 215 -27.88 18.66 -30.43
N PRO A 216 -29.03 18.07 -30.79
CA PRO A 216 -29.13 16.63 -30.68
C PRO A 216 -28.01 15.90 -31.45
N GLU A 217 -27.47 16.53 -32.50
CA GLU A 217 -26.38 15.91 -33.26
C GLU A 217 -25.18 15.70 -32.34
N ARG A 219 -25.23 15.36 -28.97
CA ARG A 219 -25.50 14.25 -28.08
C ARG A 219 -25.30 12.94 -28.78
N SER A 220 -25.79 12.81 -30.04
CA SER A 220 -25.59 11.50 -30.71
C SER A 220 -24.09 11.21 -30.86
N GLN A 221 -23.31 12.22 -31.23
CA GLN A 221 -21.84 11.99 -31.46
C GLN A 221 -21.19 11.63 -30.13
N LYS A 222 -21.59 12.31 -29.07
CA LYS A 222 -21.07 11.88 -27.72
C LYS A 222 -21.38 10.44 -27.34
N PHE A 223 -22.67 10.03 -27.49
CA PHE A 223 -23.04 8.70 -27.06
C PHE A 223 -22.38 7.60 -27.98
N GLN A 224 -22.19 7.91 -29.27
CA GLN A 224 -21.47 6.97 -30.18
C GLN A 224 -20.03 6.80 -29.68
N ALA A 225 -19.49 7.89 -29.16
CA ALA A 225 -18.09 7.83 -28.75
C ALA A 225 -18.04 7.05 -27.42
N VAL A 226 -19.01 7.29 -26.57
CA VAL A 226 -19.15 6.42 -25.35
C VAL A 226 -19.16 4.92 -25.68
N GLU A 227 -19.84 4.50 -26.75
CA GLU A 227 -19.90 3.10 -27.00
C GLU A 227 -18.53 2.52 -27.46
N ARG A 228 -17.56 3.32 -27.86
CA ARG A 228 -16.22 2.75 -28.12
C ARG A 228 -15.57 2.17 -26.85
N TYR A 229 -16.06 2.56 -25.67
CA TYR A 229 -15.48 2.03 -24.42
C TYR A 229 -16.20 0.72 -24.00
N SER A 230 -16.10 -0.28 -24.92
CA SER A 230 -16.82 -1.59 -24.77
C SER A 230 -16.61 -2.25 -23.41
N SER A 231 -15.34 -2.24 -22.99
CA SER A 231 -14.93 -2.88 -21.71
C SER A 231 -15.71 -2.37 -20.52
N GLN A 232 -16.14 -1.12 -20.57
CA GLN A 232 -16.68 -0.45 -19.37
C GLN A 232 -18.19 -0.62 -19.21
N VAL A 234 -21.59 -3.22 -19.50
CA VAL A 234 -22.09 -4.59 -19.63
C VAL A 234 -23.59 -4.55 -20.01
N LEU A 243 -28.74 3.45 -18.60
CA LEU A 243 -27.43 3.78 -19.13
C LEU A 243 -27.48 5.15 -19.81
N PHE A 244 -27.61 5.14 -21.15
CA PHE A 244 -27.87 6.36 -21.88
C PHE A 244 -29.18 7.04 -21.47
N ASP A 245 -30.18 6.26 -21.07
CA ASP A 245 -31.46 6.80 -20.58
C ASP A 245 -31.31 7.66 -19.32
N ARG A 246 -30.46 7.17 -18.45
CA ARG A 246 -30.13 7.82 -17.19
C ARG A 246 -29.50 9.19 -17.42
N LEU A 247 -28.44 9.22 -18.22
CA LEU A 247 -27.78 10.42 -18.70
C LEU A 247 -28.64 11.45 -19.37
N ASP A 248 -29.43 10.99 -20.35
CA ASP A 248 -30.50 11.80 -20.92
C ASP A 248 -31.45 12.51 -19.90
N GLU A 249 -32.00 11.72 -18.99
CA GLU A 249 -32.92 12.27 -17.98
C GLU A 249 -32.21 13.24 -17.04
N HIS A 250 -30.92 12.97 -16.75
CA HIS A 250 -30.17 13.91 -15.90
C HIS A 250 -29.98 15.22 -16.65
N ALA A 251 -29.63 15.16 -17.94
CA ALA A 251 -29.37 16.35 -18.71
C ALA A 251 -30.64 17.16 -18.90
N ARG A 252 -31.74 16.49 -19.24
CA ARG A 252 -32.99 17.22 -19.49
C ARG A 252 -33.49 17.83 -18.19
N GLN A 253 -33.31 17.07 -17.12
CA GLN A 253 -33.56 17.51 -15.79
C GLN A 253 -32.73 18.74 -15.33
N ASN A 254 -31.61 19.01 -16.01
CA ASN A 254 -30.75 20.12 -15.61
C ASN A 254 -31.18 21.43 -16.26
N ALA A 255 -31.34 21.42 -17.57
CA ALA A 255 -32.00 22.55 -18.23
C ALA A 255 -33.19 22.01 -18.98
N PRO A 256 -34.38 22.04 -18.33
CA PRO A 256 -35.61 21.71 -19.04
C PRO A 256 -35.93 22.90 -19.98
N HIS A 257 -36.95 22.76 -20.83
CA HIS A 257 -37.16 23.67 -21.96
C HIS A 257 -35.88 23.81 -22.81
N GLY A 258 -35.07 22.76 -22.73
CA GLY A 258 -33.73 22.84 -23.26
C GLY A 258 -33.36 21.50 -23.84
N GLY A 259 -32.22 21.48 -24.51
CA GLY A 259 -31.77 20.27 -25.15
C GLY A 259 -30.97 19.41 -24.20
N TYR A 260 -30.20 18.50 -24.79
CA TYR A 260 -29.09 17.90 -24.06
C TYR A 260 -28.08 19.01 -23.67
N GLY A 261 -27.31 18.77 -22.61
CA GLY A 261 -26.29 19.72 -22.20
C GLY A 261 -25.45 19.11 -21.12
N GLU A 262 -24.33 19.76 -20.81
CA GLU A 262 -23.48 19.32 -19.70
C GLU A 262 -23.23 20.52 -18.79
N THR A 263 -23.18 20.29 -17.48
CA THR A 263 -23.00 21.36 -16.49
C THR A 263 -21.48 21.49 -16.26
N THR A 264 -20.98 22.72 -16.34
CA THR A 264 -19.59 22.97 -15.96
C THR A 264 -19.57 24.21 -15.09
N TRP A 265 -18.51 24.37 -14.33
CA TRP A 265 -18.37 25.60 -13.52
C TRP A 265 -16.96 26.18 -13.74
N PRO A 266 -16.84 27.51 -13.76
CA PRO A 266 -15.49 28.07 -13.71
C PRO A 266 -15.00 27.92 -12.29
N VAL A 267 -13.67 27.93 -12.13
CA VAL A 267 -13.09 27.91 -10.82
C VAL A 267 -12.22 29.17 -10.68
N VAL A 268 -12.43 29.85 -9.58
CA VAL A 268 -11.66 31.07 -9.31
C VAL A 268 -11.14 31.05 -7.89
N ARG A 269 -10.33 32.07 -7.55
CA ARG A 269 -9.78 32.15 -6.21
C ARG A 269 -10.85 32.73 -5.28
N SER A 270 -10.88 32.12 -4.09
CA SER A 270 -11.75 32.65 -3.01
C SER A 270 -11.26 34.01 -2.51
N ASP A 271 -12.21 34.84 -2.05
CA ASP A 271 -11.84 36.08 -1.35
C ASP A 271 -11.04 35.76 -0.11
N ASP A 272 -10.04 36.61 0.16
CA ASP A 272 -9.00 36.44 1.23
C ASP A 272 -8.03 35.24 1.05
N SER A 273 -7.57 34.92 -0.15
CA SER A 273 -6.79 33.63 -0.34
C SER A 273 -5.62 33.87 -1.32
N ALA B 7 -23.87 -31.54 19.34
CA ALA B 7 -24.87 -31.69 18.24
C ALA B 7 -24.23 -31.44 16.86
N THR B 8 -23.13 -30.72 16.82
CA THR B 8 -22.55 -30.32 15.53
C THR B 8 -21.49 -31.32 15.06
N ARG B 9 -21.60 -31.73 13.81
CA ARG B 9 -20.61 -32.64 13.19
C ARG B 9 -20.15 -31.89 11.92
N LEU B 10 -18.93 -31.40 11.97
CA LEU B 10 -18.37 -30.60 10.88
C LEU B 10 -17.38 -31.48 10.12
N LEU B 11 -17.63 -31.64 8.81
CA LEU B 11 -16.72 -32.36 7.91
C LEU B 11 -16.06 -31.28 7.05
N ALA B 12 -14.73 -31.16 7.12
CA ALA B 12 -13.99 -30.20 6.35
C ALA B 12 -13.33 -31.01 5.28
N ILE B 13 -13.40 -30.59 4.05
CA ILE B 13 -12.86 -31.45 2.95
C ILE B 13 -11.75 -30.68 2.31
N SER B 14 -10.54 -31.12 2.56
CA SER B 14 -9.34 -30.37 2.17
C SER B 14 -8.78 -30.96 0.92
N PRO B 15 -8.38 -30.14 -0.08
CA PRO B 15 -7.83 -30.78 -1.27
C PRO B 15 -6.45 -31.36 -0.98
N HIS B 16 -5.55 -30.58 -0.36
CA HIS B 16 -4.21 -31.09 -0.07
C HIS B 16 -3.93 -31.05 1.41
N LEU B 17 -2.82 -31.74 1.79
CA LEU B 17 -2.45 -31.78 3.23
C LEU B 17 -1.83 -30.43 3.63
N ASP B 18 -2.71 -29.58 4.15
CA ASP B 18 -2.49 -28.26 4.75
C ASP B 18 -3.56 -27.29 4.38
N ASP B 19 -4.34 -27.60 3.33
CA ASP B 19 -5.34 -26.55 2.92
C ASP B 19 -6.39 -26.12 3.94
N ALA B 20 -7.03 -27.05 4.62
CA ALA B 20 -8.05 -26.76 5.60
C ALA B 20 -7.46 -25.95 6.78
N VAL B 21 -6.25 -26.31 7.19
CA VAL B 21 -5.61 -25.54 8.28
C VAL B 21 -5.22 -24.13 7.81
N LEU B 22 -4.64 -24.02 6.64
CA LEU B 22 -4.27 -22.70 6.10
C LEU B 22 -5.49 -21.77 5.93
N SER B 23 -6.61 -22.33 5.50
CA SER B 23 -7.74 -21.49 5.10
C SER B 23 -8.80 -21.41 6.15
N PHE B 24 -8.93 -22.45 6.95
CA PHE B 24 -10.02 -22.56 7.85
C PHE B 24 -9.61 -23.08 9.21
N GLY B 25 -8.31 -22.98 9.57
CA GLY B 25 -7.83 -23.51 10.83
C GLY B 25 -8.44 -22.82 12.04
N ALA B 26 -8.71 -21.52 11.93
CA ALA B 26 -9.40 -20.85 13.04
C ALA B 26 -10.82 -21.37 13.22
N GLY B 27 -11.56 -21.58 12.10
CA GLY B 27 -12.89 -22.15 12.14
C GLY B 27 -12.92 -23.54 12.73
N LEU B 28 -11.92 -24.35 12.35
CA LEU B 28 -11.80 -25.71 12.89
C LEU B 28 -11.60 -25.65 14.43
N ALA B 29 -10.64 -24.82 14.85
CA ALA B 29 -10.28 -24.61 16.26
C ALA B 29 -11.50 -24.16 17.04
N GLN B 30 -12.20 -23.19 16.48
CA GLN B 30 -13.41 -22.69 17.10
C GLN B 30 -14.52 -23.70 17.28
N ALA B 31 -14.79 -24.52 16.22
CA ALA B 31 -15.76 -25.55 16.33
C ALA B 31 -15.38 -26.63 17.36
N ALA B 32 -14.11 -26.95 17.41
CA ALA B 32 -13.58 -27.89 18.37
C ALA B 32 -13.88 -27.35 19.80
N GLN B 33 -13.50 -26.09 20.06
CA GLN B 33 -13.76 -25.45 21.37
C GLN B 33 -15.27 -25.39 21.69
N ASP B 34 -16.13 -25.25 20.67
CA ASP B 34 -17.58 -25.21 20.89
C ASP B 34 -18.15 -26.62 21.10
N GLY B 35 -17.29 -27.64 21.08
CA GLY B 35 -17.68 -29.03 21.32
C GLY B 35 -18.17 -29.84 20.12
N ALA B 36 -18.09 -29.28 18.92
CA ALA B 36 -18.42 -30.03 17.70
C ALA B 36 -17.53 -31.25 17.55
N ASN B 37 -18.05 -32.22 16.83
CA ASN B 37 -17.25 -33.37 16.40
C ASN B 37 -16.66 -32.93 15.05
N VAL B 38 -15.32 -32.82 14.94
CA VAL B 38 -14.78 -32.20 13.71
C VAL B 38 -13.89 -33.20 12.99
N LEU B 39 -14.04 -33.35 11.65
CA LEU B 39 -13.28 -34.40 10.93
C LEU B 39 -12.73 -33.63 9.68
N VAL B 40 -11.39 -33.65 9.51
CA VAL B 40 -10.81 -33.04 8.33
C VAL B 40 -10.39 -34.19 7.41
N TYR B 41 -11.11 -34.31 6.31
CA TYR B 41 -10.78 -35.35 5.31
C TYR B 41 -10.02 -34.69 4.19
N THR B 42 -8.84 -35.25 3.86
CA THR B 42 -7.98 -34.70 2.81
C THR B 42 -8.06 -35.61 1.61
N VAL B 43 -8.58 -35.02 0.56
CA VAL B 43 -8.88 -35.76 -0.71
C VAL B 43 -7.61 -36.29 -1.35
N PHE B 44 -6.66 -35.39 -1.63
CA PHE B 44 -5.51 -35.71 -2.43
C PHE B 44 -4.34 -36.06 -1.56
N ALA B 45 -4.57 -36.99 -0.65
CA ALA B 45 -3.51 -37.41 0.24
C ALA B 45 -3.07 -38.81 -0.06
N GLY B 46 -3.40 -39.27 -1.25
CA GLY B 46 -3.02 -40.61 -1.64
C GLY B 46 -1.52 -40.81 -1.71
N ALA B 47 -1.02 -42.00 -1.28
CA ALA B 47 0.43 -42.25 -1.14
C ALA B 47 0.90 -42.70 -2.53
N ALA B 48 1.59 -41.81 -3.23
CA ALA B 48 2.02 -42.10 -4.57
C ALA B 48 3.11 -43.09 -4.48
N GLN B 49 3.11 -43.93 -5.48
CA GLN B 49 4.15 -44.94 -5.66
C GLN B 49 5.12 -44.50 -6.77
N PRO B 50 6.43 -44.56 -6.51
CA PRO B 50 7.43 -44.18 -7.49
C PRO B 50 7.43 -45.06 -8.73
N PRO B 51 7.99 -44.62 -9.85
CA PRO B 51 8.84 -43.41 -10.02
C PRO B 51 8.08 -42.13 -10.11
N TYR B 52 8.76 -41.03 -9.79
CA TYR B 52 8.11 -39.71 -9.81
C TYR B 52 8.56 -38.93 -11.00
N SER B 53 7.68 -38.08 -11.45
CA SER B 53 7.95 -37.20 -12.58
C SER B 53 9.07 -36.25 -12.26
N PRO B 54 9.70 -35.72 -13.32
CA PRO B 54 10.63 -34.61 -13.03
C PRO B 54 10.04 -33.43 -12.23
N ALA B 55 8.75 -33.11 -12.46
CA ALA B 55 8.11 -32.02 -11.73
C ALA B 55 7.99 -32.42 -10.29
N ALA B 56 7.63 -33.67 -10.03
CA ALA B 56 7.39 -34.07 -8.67
C ALA B 56 8.73 -34.13 -7.91
N GLN B 57 9.73 -34.63 -8.61
CA GLN B 57 11.05 -34.75 -7.99
C GLN B 57 11.57 -33.34 -7.64
N ARG B 58 11.37 -32.39 -8.55
CA ARG B 58 11.67 -30.98 -8.24
C ARG B 58 10.94 -30.43 -7.01
N HIS B 60 9.73 -32.19 -4.51
CA HIS B 60 10.23 -32.88 -3.32
C HIS B 60 11.53 -32.26 -2.86
N THR B 61 12.37 -31.87 -3.80
CA THR B 61 13.68 -31.26 -3.48
C THR B 61 13.44 -29.91 -2.82
N ILE B 62 12.48 -29.17 -3.39
CA ILE B 62 12.10 -27.90 -2.84
C ILE B 62 11.55 -28.06 -1.44
N TRP B 63 10.88 -29.19 -1.16
CA TRP B 63 10.33 -29.36 0.13
C TRP B 63 11.41 -29.97 1.10
N GLY B 64 12.64 -30.06 0.58
CA GLY B 64 13.80 -30.51 1.36
C GLY B 64 13.89 -32.02 1.50
N LEU B 65 13.22 -32.76 0.67
CA LEU B 65 13.32 -34.21 0.76
C LEU B 65 14.30 -34.71 -0.28
N ALA B 66 14.75 -35.94 -0.19
CA ALA B 66 15.35 -36.60 -1.38
C ALA B 66 14.34 -36.61 -2.54
N PRO B 67 14.79 -36.46 -3.80
CA PRO B 67 13.73 -36.37 -4.84
C PRO B 67 12.86 -37.62 -4.98
N ASP B 68 13.39 -38.81 -4.65
CA ASP B 68 12.59 -40.01 -4.72
C ASP B 68 12.03 -40.53 -3.37
N ASP B 69 12.07 -39.65 -2.37
CA ASP B 69 11.62 -40.00 -1.03
C ASP B 69 10.09 -39.95 -1.03
N ASP B 70 9.50 -40.58 -0.02
CA ASP B 70 8.03 -40.65 0.11
C ASP B 70 7.46 -39.39 0.72
N ALA B 71 7.30 -38.42 -0.14
CA ALA B 71 6.88 -37.11 0.29
C ALA B 71 5.50 -37.13 0.89
N VAL B 72 4.60 -37.94 0.31
CA VAL B 72 3.25 -37.96 0.85
C VAL B 72 3.21 -38.51 2.26
N LEU B 73 3.97 -39.59 2.54
CA LEU B 73 4.06 -39.99 3.95
C LEU B 73 4.53 -38.88 4.91
N TYR B 74 5.50 -38.08 4.50
CA TYR B 74 6.01 -37.04 5.34
C TYR B 74 4.88 -36.01 5.52
N ARG B 75 4.20 -35.62 4.43
CA ARG B 75 3.14 -34.64 4.60
C ARG B 75 1.97 -35.13 5.44
N ARG B 76 1.68 -36.43 5.36
CA ARG B 76 0.59 -36.94 6.14
C ARG B 76 0.92 -36.84 7.66
N LYS B 77 2.20 -37.04 8.00
CA LYS B 77 2.57 -36.93 9.39
C LYS B 77 2.45 -35.49 9.85
N GLU B 78 2.79 -34.56 8.97
CA GLU B 78 2.70 -33.13 9.27
C GLU B 78 1.26 -32.82 9.51
N ASP B 79 0.41 -33.38 8.68
CA ASP B 79 -1.02 -33.12 8.81
C ASP B 79 -1.60 -33.62 10.14
N ILE B 80 -1.17 -34.82 10.57
CA ILE B 80 -1.64 -35.34 11.82
C ILE B 80 -1.19 -34.45 12.97
N ALA B 81 0.04 -33.96 12.93
CA ALA B 81 0.54 -33.06 14.00
C ALA B 81 -0.32 -31.76 14.05
N ALA B 82 -0.53 -31.13 12.89
CA ALA B 82 -1.29 -29.86 12.78
C ALA B 82 -2.71 -30.08 13.24
N LEU B 83 -3.37 -31.14 12.79
CA LEU B 83 -4.74 -31.34 13.23
C LEU B 83 -4.86 -31.81 14.68
N ASP B 84 -3.84 -32.50 15.17
CA ASP B 84 -3.79 -32.79 16.62
C ASP B 84 -3.65 -31.52 17.44
N HIS B 85 -2.80 -30.62 16.98
CA HIS B 85 -2.70 -29.33 17.59
C HIS B 85 -4.08 -28.64 17.72
N LEU B 86 -4.82 -28.57 16.61
CA LEU B 86 -6.22 -28.10 16.68
C LEU B 86 -7.21 -28.98 17.43
N ARG B 87 -6.81 -30.21 17.77
CA ARG B 87 -7.70 -31.15 18.45
C ARG B 87 -8.91 -31.60 17.63
N VAL B 88 -8.70 -31.75 16.33
CA VAL B 88 -9.74 -32.34 15.45
C VAL B 88 -9.20 -33.62 14.74
N ALA B 89 -10.11 -34.42 14.25
CA ALA B 89 -9.76 -35.73 13.64
C ALA B 89 -9.33 -35.51 12.16
N HIS B 90 -8.51 -36.45 11.65
CA HIS B 90 -8.11 -36.44 10.25
C HIS B 90 -8.60 -37.71 9.55
N ARG B 91 -8.70 -37.65 8.20
CA ARG B 91 -8.92 -38.86 7.41
C ARG B 91 -8.19 -38.60 6.11
N HIS B 92 -7.35 -39.55 5.69
CA HIS B 92 -6.49 -39.31 4.53
C HIS B 92 -6.92 -40.15 3.40
N GLY B 93 -7.38 -39.40 2.37
CA GLY B 93 -7.90 -40.10 1.21
C GLY B 93 -6.92 -40.67 0.21
N ARG B 94 -7.47 -41.21 -0.86
CA ARG B 94 -6.69 -42.10 -1.75
C ARG B 94 -6.19 -41.38 -3.00
N PHE B 95 -6.65 -40.17 -3.24
CA PHE B 95 -6.39 -39.50 -4.56
C PHE B 95 -5.02 -38.94 -4.63
N LEU B 96 -4.38 -39.10 -5.73
CA LEU B 96 -2.99 -38.62 -5.89
C LEU B 96 -2.96 -37.15 -6.24
N ASP B 97 -2.14 -36.43 -5.53
CA ASP B 97 -1.77 -34.99 -5.77
C ASP B 97 -1.41 -34.81 -7.26
N SER B 98 -1.69 -33.62 -7.80
CA SER B 98 -1.60 -33.39 -9.32
C SER B 98 -0.26 -33.81 -10.00
N ILE B 99 0.74 -33.66 -9.11
CA ILE B 99 2.16 -33.94 -9.50
C ILE B 99 2.44 -35.43 -9.63
N TYR B 100 1.51 -36.30 -9.24
CA TYR B 100 1.71 -37.71 -9.34
C TYR B 100 0.74 -38.33 -10.35
N ARG B 101 -0.22 -37.54 -10.88
CA ARG B 101 -1.26 -38.13 -11.79
C ARG B 101 -0.76 -38.17 -13.22
N LYS B 102 -1.24 -39.18 -13.95
CA LYS B 102 -0.99 -39.29 -15.39
C LYS B 102 -2.31 -39.16 -16.09
N LEU B 103 -2.21 -38.63 -17.30
CA LEU B 103 -3.35 -38.44 -18.17
C LEU B 103 -3.62 -39.77 -18.91
N PRO B 104 -4.88 -39.94 -19.42
CA PRO B 104 -5.26 -41.12 -20.20
C PRO B 104 -4.24 -41.41 -21.29
N ASP B 105 -3.74 -40.36 -21.98
CA ASP B 105 -2.71 -40.55 -23.05
C ASP B 105 -1.33 -40.95 -22.55
N GLY B 106 -1.11 -40.96 -21.23
CA GLY B 106 0.18 -41.36 -20.71
C GLY B 106 1.10 -40.20 -20.33
N ARG B 107 0.75 -38.96 -20.66
CA ARG B 107 1.62 -37.83 -20.27
C ARG B 107 1.44 -37.63 -18.75
N TRP B 108 2.43 -37.05 -18.03
CA TRP B 108 2.07 -36.51 -16.70
C TRP B 108 1.03 -35.41 -16.81
N LEU B 109 0.13 -35.30 -15.84
CA LEU B 109 -0.74 -34.16 -15.73
C LEU B 109 0.02 -32.82 -15.60
N THR B 110 1.04 -32.79 -14.74
CA THR B 110 1.73 -31.55 -14.51
C THR B 110 3.15 -31.58 -15.04
N ALA B 111 3.47 -30.49 -15.72
CA ALA B 111 4.78 -30.42 -16.32
C ALA B 111 5.60 -29.57 -15.43
N HIS B 112 6.88 -29.93 -15.39
CA HIS B 112 7.99 -29.19 -14.85
C HIS B 112 8.21 -27.87 -15.68
N VAL B 113 8.26 -26.71 -15.06
CA VAL B 113 8.54 -25.51 -15.87
C VAL B 113 9.87 -24.87 -15.45
N GLU B 114 10.74 -24.65 -16.44
CA GLU B 114 11.98 -23.89 -16.22
C GLU B 114 11.74 -22.52 -15.57
N GLY B 115 12.49 -22.26 -14.50
CA GLY B 115 12.42 -20.97 -13.80
C GLY B 115 11.54 -21.06 -12.56
N ARG B 116 11.14 -19.91 -12.02
CA ARG B 116 10.47 -19.85 -10.72
C ARG B 116 9.04 -20.35 -10.77
N GLN B 117 8.37 -20.21 -11.91
CA GLN B 117 7.13 -20.95 -12.15
C GLN B 117 7.69 -22.34 -12.14
N LYS B 118 7.10 -23.23 -11.38
CA LYS B 118 7.77 -24.53 -11.29
C LYS B 118 6.91 -25.61 -11.97
N LEU B 119 5.62 -25.29 -12.06
CA LEU B 119 4.60 -26.25 -12.49
C LEU B 119 3.69 -25.60 -13.48
N ALA B 120 3.26 -26.37 -14.44
CA ALA B 120 2.16 -25.98 -15.24
C ALA B 120 1.37 -27.24 -15.56
N VAL B 121 0.05 -27.15 -15.53
CA VAL B 121 -0.77 -28.33 -15.93
C VAL B 121 -0.89 -28.42 -17.46
N ASN B 122 -0.65 -29.62 -17.97
CA ASN B 122 -0.68 -29.90 -19.38
C ASN B 122 -2.13 -29.85 -19.90
N ASP B 123 -2.41 -29.28 -21.09
CA ASP B 123 -3.85 -29.21 -21.46
C ASP B 123 -4.37 -30.61 -21.75
N HIS B 124 -5.66 -30.86 -21.46
CA HIS B 124 -6.14 -32.25 -21.66
C HIS B 124 -7.65 -32.25 -21.84
N SER B 125 -8.17 -33.40 -22.27
CA SER B 125 -9.61 -33.57 -22.43
C SER B 125 -10.29 -33.39 -21.07
N PRO B 126 -11.39 -32.63 -21.03
CA PRO B 126 -12.12 -32.53 -19.75
C PRO B 126 -12.74 -33.86 -19.28
N ASP B 127 -12.74 -34.90 -20.11
CA ASP B 127 -13.29 -36.20 -19.69
C ASP B 127 -12.63 -36.77 -18.40
N SER B 128 -11.29 -36.70 -18.32
CA SER B 128 -10.57 -37.14 -17.16
C SER B 128 -10.82 -36.22 -15.94
N ASP B 129 -11.11 -34.95 -16.15
CA ASP B 129 -11.45 -34.05 -15.01
C ASP B 129 -12.81 -34.53 -14.44
N HIS B 130 -13.75 -34.76 -15.35
CA HIS B 130 -15.10 -35.27 -14.91
C HIS B 130 -15.01 -36.58 -14.21
N ASP B 131 -14.22 -37.50 -14.75
CA ASP B 131 -14.17 -38.86 -14.15
C ASP B 131 -13.56 -38.73 -12.73
N LEU B 132 -12.58 -37.82 -12.62
CA LEU B 132 -11.97 -37.62 -11.27
C LEU B 132 -12.96 -37.03 -10.30
N VAL B 133 -13.71 -36.02 -10.71
CA VAL B 133 -14.76 -35.51 -9.84
C VAL B 133 -15.73 -36.65 -9.46
N GLY B 134 -16.12 -37.48 -10.41
CA GLY B 134 -17.11 -38.56 -10.05
C GLY B 134 -16.56 -39.54 -9.01
N GLU B 135 -15.30 -39.89 -9.11
CA GLU B 135 -14.69 -40.74 -8.08
C GLU B 135 -14.58 -40.08 -6.71
N VAL B 136 -14.12 -38.81 -6.69
CA VAL B 136 -14.05 -38.05 -5.42
C VAL B 136 -15.43 -37.94 -4.81
N ALA B 137 -16.39 -37.65 -5.66
CA ALA B 137 -17.74 -37.54 -5.14
C ALA B 137 -18.27 -38.84 -4.53
N ASP B 138 -17.95 -39.98 -5.12
CA ASP B 138 -18.29 -41.28 -4.52
C ASP B 138 -17.69 -41.44 -3.11
N ASP B 139 -16.38 -41.11 -2.96
CA ASP B 139 -15.73 -41.22 -1.67
C ASP B 139 -16.37 -40.28 -0.66
N ILE B 140 -16.70 -39.08 -1.09
CA ILE B 140 -17.29 -38.09 -0.18
C ILE B 140 -18.68 -38.59 0.19
N ARG B 141 -19.41 -39.10 -0.78
CA ARG B 141 -20.80 -39.63 -0.41
C ARG B 141 -20.70 -40.75 0.67
N SER B 142 -19.75 -41.65 0.51
CA SER B 142 -19.50 -42.66 1.55
C SER B 142 -19.11 -42.09 2.91
N ILE B 143 -18.32 -41.01 2.92
CA ILE B 143 -17.92 -40.40 4.20
C ILE B 143 -19.12 -39.69 4.80
N ILE B 144 -19.95 -39.07 3.96
CA ILE B 144 -21.13 -38.39 4.52
C ILE B 144 -22.04 -39.45 5.19
N ASP B 145 -22.27 -40.58 4.53
CA ASP B 145 -23.00 -41.70 5.19
C ASP B 145 -22.39 -42.14 6.54
N GLU B 146 -21.08 -42.25 6.64
CA GLU B 146 -20.43 -42.75 7.84
C GLU B 146 -20.39 -41.71 8.97
N PHE B 147 -20.07 -40.46 8.63
CA PHE B 147 -19.82 -39.45 9.62
C PHE B 147 -21.10 -38.66 9.90
N ASP B 148 -22.04 -38.62 8.96
CA ASP B 148 -23.32 -37.88 9.14
C ASP B 148 -23.08 -36.41 9.57
N PRO B 149 -22.27 -35.69 8.80
CA PRO B 149 -22.02 -34.27 9.11
C PRO B 149 -23.36 -33.47 9.11
N THR B 150 -23.39 -32.44 9.97
CA THR B 150 -24.45 -31.42 9.90
C THR B 150 -24.06 -30.27 9.01
N LEU B 151 -22.75 -30.13 8.75
CA LEU B 151 -22.28 -29.07 7.85
C LEU B 151 -20.99 -29.57 7.16
N VAL B 152 -20.83 -29.28 5.84
CA VAL B 152 -19.59 -29.58 5.14
C VAL B 152 -18.94 -28.27 4.76
N VAL B 153 -17.65 -28.20 4.89
CA VAL B 153 -17.00 -26.95 4.45
C VAL B 153 -15.84 -27.41 3.57
N THR B 154 -15.64 -26.78 2.42
CA THR B 154 -14.50 -27.16 1.57
C THR B 154 -13.96 -25.92 0.86
N CYS B 155 -13.13 -26.07 -0.16
CA CYS B 155 -12.42 -24.87 -0.72
C CYS B 155 -13.30 -24.21 -1.78
N ALA B 156 -13.18 -22.88 -1.90
CA ALA B 156 -13.73 -22.24 -3.12
C ALA B 156 -12.92 -22.50 -4.40
N ALA B 157 -11.66 -22.92 -4.25
CA ALA B 157 -10.72 -23.07 -5.34
C ALA B 157 -10.35 -21.69 -5.97
N ILE B 158 -10.37 -20.68 -5.12
CA ILE B 158 -9.67 -19.40 -5.47
C ILE B 158 -8.24 -19.79 -5.90
N GLY B 159 -7.80 -19.34 -7.06
CA GLY B 159 -6.50 -19.78 -7.55
C GLY B 159 -6.49 -20.86 -8.60
N GLU B 160 -7.64 -21.52 -8.80
CA GLU B 160 -7.84 -22.50 -9.83
C GLU B 160 -6.90 -23.71 -9.79
N HIS B 161 -6.42 -24.11 -8.63
CA HIS B 161 -5.64 -25.35 -8.57
C HIS B 161 -6.61 -26.48 -9.05
N PRO B 162 -6.23 -27.36 -9.98
CA PRO B 162 -7.19 -28.36 -10.48
C PRO B 162 -7.68 -29.32 -9.35
N ASP B 163 -6.79 -29.59 -8.37
CA ASP B 163 -7.19 -30.52 -7.28
C ASP B 163 -8.19 -29.80 -6.41
N ASN B 164 -8.02 -28.51 -6.25
CA ASN B 164 -8.94 -27.76 -5.40
C ASN B 164 -10.33 -27.67 -6.15
N GLU B 165 -10.30 -27.47 -7.47
CA GLU B 165 -11.55 -27.49 -8.21
C GLU B 165 -12.21 -28.83 -8.14
N ALA B 166 -11.44 -29.94 -8.27
CA ALA B 166 -12.07 -31.27 -8.29
C ALA B 166 -12.68 -31.51 -6.92
N THR B 167 -11.98 -31.04 -5.88
CA THR B 167 -12.47 -31.27 -4.47
C THR B 167 -13.79 -30.51 -4.31
N ARG B 168 -13.76 -29.23 -4.63
CA ARG B 168 -14.98 -28.36 -4.52
C ARG B 168 -16.09 -29.00 -5.33
N ASP B 169 -15.91 -29.30 -6.59
CA ASP B 169 -17.03 -29.73 -7.41
C ASP B 169 -17.61 -31.06 -6.92
N ALA B 170 -16.74 -32.00 -6.52
CA ALA B 170 -17.27 -33.24 -5.98
C ALA B 170 -18.04 -33.00 -4.69
N ALA B 171 -17.53 -32.14 -3.81
CA ALA B 171 -18.27 -31.81 -2.54
C ALA B 171 -19.65 -31.17 -2.81
N LEU B 172 -19.69 -30.26 -3.79
CA LEU B 172 -20.99 -29.70 -4.19
C LEU B 172 -21.99 -30.81 -4.67
N PHE B 173 -21.55 -31.71 -5.54
CA PHE B 173 -22.44 -32.74 -6.06
C PHE B 173 -22.87 -33.66 -4.93
N ALA B 174 -21.92 -34.05 -4.09
CA ALA B 174 -22.21 -35.06 -3.05
C ALA B 174 -23.16 -34.47 -2.00
N THR B 175 -22.89 -33.22 -1.62
CA THR B 175 -23.70 -32.52 -0.56
C THR B 175 -25.08 -32.24 -1.07
N HIS B 176 -25.22 -31.83 -2.32
CA HIS B 176 -26.57 -31.62 -2.88
C HIS B 176 -27.38 -32.90 -2.93
N GLU B 177 -26.77 -34.02 -3.31
CA GLU B 177 -27.48 -35.31 -3.31
C GLU B 177 -27.85 -35.75 -1.91
N LYS B 178 -27.06 -35.42 -0.91
CA LYS B 178 -27.26 -35.93 0.45
C LYS B 178 -27.99 -34.94 1.35
N ASN B 179 -28.40 -33.79 0.76
CA ASN B 179 -29.10 -32.72 1.53
C ASN B 179 -28.31 -32.31 2.76
N VAL B 180 -26.98 -32.03 2.61
CA VAL B 180 -26.24 -31.48 3.72
C VAL B 180 -25.80 -30.08 3.29
N PRO B 181 -26.00 -29.05 4.12
CA PRO B 181 -25.49 -27.72 3.80
C PRO B 181 -23.98 -27.73 3.57
N VAL B 182 -23.52 -26.92 2.63
CA VAL B 182 -22.07 -26.86 2.32
C VAL B 182 -21.71 -25.40 2.25
N ARG B 183 -20.46 -25.09 2.66
CA ARG B 183 -19.96 -23.73 2.51
C ARG B 183 -18.59 -23.87 1.94
N LEU B 184 -18.12 -22.82 1.28
CA LEU B 184 -16.75 -22.78 0.73
C LEU B 184 -15.88 -21.77 1.47
N TRP B 185 -14.61 -22.12 1.72
CA TRP B 185 -13.74 -21.12 2.37
C TRP B 185 -12.95 -20.40 1.31
N GLU B 186 -12.42 -19.25 1.70
CA GLU B 186 -11.57 -18.48 0.84
C GLU B 186 -10.10 -19.14 0.84
N ASP B 187 -9.66 -19.69 -0.27
CA ASP B 187 -8.36 -20.45 -0.29
C ASP B 187 -7.23 -19.52 0.01
N LEU B 188 -6.46 -19.87 1.08
CA LEU B 188 -5.18 -19.12 1.42
C LEU B 188 -4.02 -20.00 1.10
N PRO B 189 -2.93 -19.43 0.62
CA PRO B 189 -2.83 -17.99 0.48
C PRO B 189 -3.28 -17.46 -0.87
N TYR B 190 -3.90 -18.27 -1.74
CA TYR B 190 -4.30 -17.83 -3.08
C TYR B 190 -5.06 -16.54 -3.03
N ALA B 191 -5.82 -16.30 -1.95
CA ALA B 191 -6.72 -15.15 -2.04
C ALA B 191 -5.97 -13.82 -1.90
N VAL B 192 -4.75 -13.92 -1.40
CA VAL B 192 -3.87 -12.72 -1.31
C VAL B 192 -3.45 -12.22 -2.70
N PHE B 193 -3.30 -13.09 -3.68
CA PHE B 193 -2.71 -12.76 -4.98
C PHE B 193 -3.54 -13.18 -6.23
N LYS B 194 -4.83 -13.56 -5.97
CA LYS B 194 -5.74 -13.97 -7.03
C LYS B 194 -7.12 -13.38 -6.78
N SER B 195 -7.84 -13.23 -7.86
CA SER B 195 -9.25 -12.81 -7.81
C SER B 195 -10.03 -13.76 -6.91
N GLY B 196 -10.81 -13.19 -6.01
CA GLY B 196 -11.79 -13.95 -5.21
C GLY B 196 -12.92 -14.61 -6.01
N ALA B 197 -13.11 -14.21 -7.26
CA ALA B 197 -14.33 -14.62 -7.94
C ALA B 197 -14.02 -15.91 -8.65
N VAL B 198 -14.80 -16.95 -8.31
CA VAL B 198 -14.69 -18.26 -8.95
C VAL B 198 -15.94 -18.61 -9.75
N GLU B 199 -15.75 -19.49 -10.69
CA GLU B 199 -16.87 -19.99 -11.52
C GLU B 199 -17.25 -21.39 -11.06
N LEU B 200 -18.44 -21.54 -10.50
CA LEU B 200 -18.83 -22.86 -9.99
C LEU B 200 -19.44 -23.68 -11.07
N PRO B 201 -19.56 -25.03 -10.86
CA PRO B 201 -20.23 -25.85 -11.85
C PRO B 201 -21.64 -25.34 -12.09
N GLN B 202 -22.12 -25.56 -13.30
CA GLN B 202 -23.45 -25.05 -13.71
C GLN B 202 -24.47 -25.55 -12.67
N GLY B 203 -25.31 -24.64 -12.21
CA GLY B 203 -26.42 -24.98 -11.31
C GLY B 203 -26.14 -24.53 -9.88
N PHE B 204 -24.89 -24.15 -9.56
CA PHE B 204 -24.58 -23.74 -8.19
C PHE B 204 -24.19 -22.26 -8.15
N ARG B 205 -24.42 -21.57 -7.04
CA ARG B 205 -23.90 -20.22 -6.91
C ARG B 205 -23.61 -19.94 -5.45
N LEU B 206 -22.85 -18.88 -5.20
CA LEU B 206 -22.53 -18.51 -3.83
C LEU B 206 -23.61 -17.62 -3.30
N GLY B 207 -23.89 -17.78 -2.03
CA GLY B 207 -24.61 -16.76 -1.27
C GLY B 207 -23.68 -15.66 -0.74
N SER B 208 -24.13 -14.93 0.29
CA SER B 208 -23.39 -13.79 0.84
C SER B 208 -22.22 -14.22 1.69
N ALA B 209 -21.13 -13.49 1.61
CA ALA B 209 -19.92 -13.82 2.37
C ALA B 209 -20.16 -13.65 3.86
N ASP B 210 -19.61 -14.57 4.62
CA ASP B 210 -19.50 -14.40 6.04
C ASP B 210 -18.04 -14.25 6.37
N VAL B 211 -17.76 -13.24 7.17
CA VAL B 211 -16.39 -13.05 7.65
C VAL B 211 -16.51 -13.39 9.12
N SER B 212 -15.92 -14.53 9.52
CA SER B 212 -16.00 -14.85 10.93
C SER B 212 -15.14 -13.81 11.71
N SER B 213 -15.40 -13.70 12.99
CA SER B 213 -14.60 -12.88 13.88
C SER B 213 -14.38 -13.88 14.98
N VAL B 214 -13.15 -14.37 15.13
CA VAL B 214 -12.88 -15.44 16.11
C VAL B 214 -12.21 -14.96 17.41
N LYS B 215 -12.39 -15.74 18.48
CA LYS B 215 -11.65 -15.60 19.73
C LYS B 215 -10.14 -15.63 19.44
N PRO B 216 -9.36 -14.72 20.06
CA PRO B 216 -7.93 -14.60 19.76
C PRO B 216 -7.18 -15.91 19.87
N GLU B 217 -7.62 -16.75 20.80
CA GLU B 217 -7.05 -18.08 21.02
C GLU B 217 -7.11 -18.91 19.73
N ARG B 219 -6.81 -17.80 16.56
CA ARG B 219 -5.87 -17.34 15.55
C ARG B 219 -4.47 -17.92 15.79
N SER B 220 -4.09 -17.82 17.05
CA SER B 220 -2.92 -18.44 17.62
C SER B 220 -2.83 -19.94 17.34
N GLN B 221 -3.88 -20.65 17.70
CA GLN B 221 -3.96 -22.10 17.51
C GLN B 221 -3.84 -22.44 16.04
N LYS B 222 -4.48 -21.64 15.20
CA LYS B 222 -4.37 -21.82 13.75
C LYS B 222 -2.95 -21.66 13.27
N PHE B 223 -2.32 -20.59 13.72
CA PHE B 223 -1.06 -20.16 13.26
C PHE B 223 0.01 -21.16 13.74
N GLN B 224 -0.19 -21.69 14.95
CA GLN B 224 0.67 -22.77 15.55
C GLN B 224 0.55 -24.02 14.70
N ALA B 225 -0.71 -24.35 14.37
CA ALA B 225 -0.96 -25.54 13.54
C ALA B 225 -0.28 -25.47 12.18
N VAL B 226 -0.37 -24.32 11.53
CA VAL B 226 0.20 -24.10 10.22
C VAL B 226 1.73 -24.40 10.23
N GLU B 227 2.40 -24.02 11.33
CA GLU B 227 3.84 -24.23 11.46
C GLU B 227 4.22 -25.72 11.45
N ARG B 228 3.29 -26.59 11.84
CA ARG B 228 3.52 -28.04 11.80
C ARG B 228 3.77 -28.54 10.34
N TYR B 229 3.42 -27.74 9.31
CA TYR B 229 3.65 -28.19 7.94
C TYR B 229 5.04 -27.68 7.46
N SER B 230 6.04 -28.03 8.25
CA SER B 230 7.43 -27.62 7.96
C SER B 230 7.89 -27.74 6.51
N SER B 231 7.49 -28.82 5.85
CA SER B 231 7.95 -29.10 4.48
C SER B 231 7.48 -28.02 3.51
N GLN B 232 6.34 -27.41 3.79
CA GLN B 232 5.70 -26.48 2.93
C GLN B 232 6.18 -25.03 3.15
N LEU B 243 4.72 -15.10 5.90
CA LEU B 243 3.40 -15.58 5.46
C LEU B 243 2.29 -15.11 6.38
N PHE B 244 2.49 -15.24 7.69
CA PHE B 244 1.54 -14.87 8.72
C PHE B 244 1.22 -13.39 8.73
N ASP B 245 2.23 -12.57 8.42
CA ASP B 245 1.97 -11.13 8.26
C ASP B 245 0.99 -10.90 7.12
N ARG B 246 1.14 -11.65 6.04
CA ARG B 246 0.25 -11.53 4.87
C ARG B 246 -1.18 -11.97 5.22
N LEU B 247 -1.27 -12.91 6.16
CA LEU B 247 -2.55 -13.48 6.59
C LEU B 247 -3.26 -12.62 7.62
N ASP B 248 -2.50 -12.03 8.55
CA ASP B 248 -3.07 -11.03 9.44
C ASP B 248 -3.58 -9.83 8.59
N GLU B 249 -2.73 -9.32 7.70
CA GLU B 249 -3.07 -8.21 6.79
C GLU B 249 -4.38 -8.50 6.10
N HIS B 250 -4.51 -9.71 5.57
CA HIS B 250 -5.68 -10.14 4.81
C HIS B 250 -6.94 -10.20 5.68
N ALA B 251 -6.85 -10.85 6.84
CA ALA B 251 -7.94 -10.75 7.80
C ALA B 251 -8.36 -9.27 7.96
N ARG B 252 -7.38 -8.38 8.08
CA ARG B 252 -7.70 -6.94 8.32
C ARG B 252 -8.37 -6.29 7.11
N GLN B 253 -7.76 -6.46 5.93
CA GLN B 253 -8.18 -5.83 4.68
C GLN B 253 -9.60 -6.22 4.28
N ASN B 254 -10.10 -7.26 4.95
CA ASN B 254 -11.39 -7.84 4.63
C ASN B 254 -12.43 -7.80 5.76
N ALA B 255 -12.03 -7.39 6.96
CA ALA B 255 -12.99 -7.39 8.09
C ALA B 255 -13.41 -5.99 8.51
N PRO B 256 -14.73 -5.66 8.40
CA PRO B 256 -15.19 -4.45 9.09
C PRO B 256 -15.12 -4.74 10.59
N HIS B 257 -14.74 -3.73 11.38
CA HIS B 257 -14.51 -3.81 12.84
C HIS B 257 -14.12 -5.19 13.43
N GLY B 258 -12.90 -5.26 13.98
CA GLY B 258 -12.46 -6.43 14.76
C GLY B 258 -11.32 -7.34 14.27
N GLY B 259 -11.11 -8.44 14.99
CA GLY B 259 -9.90 -9.25 14.86
C GLY B 259 -9.77 -10.16 13.64
N TYR B 260 -9.23 -11.33 13.90
CA TYR B 260 -8.94 -12.26 12.86
C TYR B 260 -10.23 -13.01 12.47
N GLY B 261 -10.35 -13.32 11.19
CA GLY B 261 -11.39 -14.26 10.79
C GLY B 261 -11.13 -14.84 9.44
N GLU B 262 -12.05 -15.70 8.98
CA GLU B 262 -11.90 -16.36 7.72
C GLU B 262 -13.23 -16.15 6.97
N THR B 263 -13.11 -15.89 5.69
CA THR B 263 -14.30 -15.70 4.84
C THR B 263 -14.81 -17.02 4.31
N THR B 264 -16.12 -17.24 4.51
CA THR B 264 -16.75 -18.43 3.90
C THR B 264 -18.03 -17.99 3.16
N TRP B 265 -18.49 -18.84 2.24
CA TRP B 265 -19.78 -18.53 1.60
C TRP B 265 -20.61 -19.82 1.57
N PRO B 266 -21.93 -19.69 1.75
CA PRO B 266 -22.82 -20.84 1.54
C PRO B 266 -23.01 -21.03 0.07
N VAL B 267 -23.23 -22.28 -0.38
CA VAL B 267 -23.47 -22.55 -1.81
C VAL B 267 -24.85 -23.03 -1.98
N VAL B 268 -25.61 -22.44 -2.89
CA VAL B 268 -26.98 -22.83 -3.11
C VAL B 268 -27.17 -23.13 -4.53
N ARG B 269 -28.36 -23.65 -4.94
CA ARG B 269 -28.66 -23.77 -6.35
C ARG B 269 -29.10 -22.45 -7.01
N SER B 270 -28.68 -22.24 -8.25
CA SER B 270 -28.99 -20.98 -8.86
C SER B 270 -30.39 -21.13 -9.42
N ASP B 271 -31.02 -19.99 -9.60
CA ASP B 271 -32.35 -19.98 -10.25
C ASP B 271 -32.35 -20.60 -11.68
N ASP B 272 -33.46 -21.26 -12.04
CA ASP B 272 -33.58 -22.19 -13.20
C ASP B 272 -32.64 -23.45 -13.17
N SER B 273 -32.58 -24.15 -12.17
N THR C 8 12.17 1.07 5.05
CA THR C 8 12.99 1.66 3.93
C THR C 8 14.24 0.84 3.51
N ARG C 9 14.20 0.39 2.25
CA ARG C 9 15.18 -0.52 1.76
C ARG C 9 15.68 0.11 0.45
N LEU C 10 16.82 0.74 0.55
CA LEU C 10 17.41 1.42 -0.57
C LEU C 10 18.38 0.46 -1.27
N LEU C 11 18.15 0.23 -2.54
CA LEU C 11 19.15 -0.47 -3.34
C LEU C 11 19.79 0.50 -4.31
N ALA C 12 21.09 0.77 -4.15
CA ALA C 12 21.84 1.65 -5.03
C ALA C 12 22.49 0.64 -6.02
N ILE C 13 22.39 0.90 -7.34
CA ILE C 13 22.99 0.04 -8.35
C ILE C 13 24.13 0.81 -8.99
N SER C 14 25.38 0.50 -8.66
CA SER C 14 26.53 1.25 -9.03
C SER C 14 27.17 0.54 -10.23
N PRO C 15 27.45 1.28 -11.32
CA PRO C 15 28.16 0.62 -12.41
C PRO C 15 29.54 0.08 -12.02
N HIS C 16 30.40 0.92 -11.44
CA HIS C 16 31.73 0.49 -11.03
C HIS C 16 31.94 0.55 -9.49
N LEU C 17 33.03 -0.06 -9.08
CA LEU C 17 33.38 -0.11 -7.65
C LEU C 17 33.87 1.32 -7.27
N ASP C 18 32.91 2.08 -6.74
CA ASP C 18 33.10 3.51 -6.25
C ASP C 18 32.05 4.49 -6.77
N ASP C 19 31.25 4.10 -7.78
CA ASP C 19 30.40 5.15 -8.39
C ASP C 19 29.29 5.59 -7.46
N ALA C 20 28.68 4.66 -6.74
CA ALA C 20 27.59 4.97 -5.86
C ALA C 20 28.11 5.87 -4.76
N VAL C 21 29.28 5.52 -4.25
CA VAL C 21 29.87 6.40 -3.16
C VAL C 21 30.18 7.79 -3.71
N LEU C 22 30.98 7.88 -4.80
CA LEU C 22 31.39 9.16 -5.44
C LEU C 22 30.14 10.00 -5.76
N SER C 23 29.08 9.38 -6.27
CA SER C 23 27.97 10.18 -6.75
C SER C 23 26.83 10.36 -5.75
N PHE C 24 26.58 9.42 -4.81
CA PHE C 24 25.39 9.33 -4.02
C PHE C 24 25.82 8.96 -2.57
N GLY C 25 27.11 9.07 -2.28
CA GLY C 25 27.65 8.66 -0.93
C GLY C 25 27.03 9.46 0.21
N ALA C 26 26.87 10.76 -0.01
CA ALA C 26 26.19 11.57 1.03
C ALA C 26 24.74 11.09 1.16
N GLY C 27 24.09 10.69 0.08
CA GLY C 27 22.75 10.12 0.15
C GLY C 27 22.67 8.71 0.77
N LEU C 28 23.74 7.95 0.56
CA LEU C 28 23.90 6.66 1.20
C LEU C 28 24.10 6.95 2.70
N ALA C 29 24.97 7.92 3.00
CA ALA C 29 25.37 8.20 4.41
C ALA C 29 24.16 8.71 5.16
N GLN C 30 23.41 9.59 4.51
CA GLN C 30 22.04 9.96 5.00
C GLN C 30 21.06 8.83 5.32
N ALA C 31 20.78 7.93 4.36
CA ALA C 31 19.84 6.77 4.51
C ALA C 31 20.26 5.71 5.55
N ALA C 32 21.56 5.57 5.78
CA ALA C 32 22.10 4.83 6.89
C ALA C 32 21.52 5.43 8.19
N GLN C 33 21.62 6.76 8.32
CA GLN C 33 21.19 7.44 9.56
C GLN C 33 19.67 7.28 9.89
N ASP C 34 18.82 7.47 8.89
CA ASP C 34 17.35 7.34 8.96
C ASP C 34 16.82 5.95 9.27
N GLY C 35 17.71 4.96 9.42
CA GLY C 35 17.34 3.57 9.70
C GLY C 35 16.86 2.82 8.46
N ALA C 36 17.37 3.22 7.29
CA ALA C 36 17.09 2.50 6.09
C ALA C 36 18.01 1.27 6.04
N ASN C 37 17.53 0.27 5.35
CA ASN C 37 18.37 -0.86 5.08
C ASN C 37 19.04 -0.58 3.70
N VAL C 38 20.37 -0.44 3.64
CA VAL C 38 21.04 0.00 2.38
C VAL C 38 21.96 -1.09 1.79
N LEU C 39 21.88 -1.27 0.46
CA LEU C 39 22.63 -2.31 -0.23
C LEU C 39 23.20 -1.65 -1.47
N VAL C 40 24.54 -1.64 -1.66
CA VAL C 40 25.03 -1.01 -2.87
C VAL C 40 25.41 -2.32 -3.63
N TYR C 41 24.69 -2.57 -4.72
CA TYR C 41 25.05 -3.65 -5.68
C TYR C 41 25.92 -3.01 -6.82
N THR C 42 27.08 -3.54 -7.04
CA THR C 42 27.94 -2.99 -8.13
C THR C 42 27.88 -4.00 -9.31
N VAL C 43 27.37 -3.51 -10.45
CA VAL C 43 27.16 -4.38 -11.62
C VAL C 43 28.47 -4.90 -12.12
N PHE C 44 29.38 -3.99 -12.47
CA PHE C 44 30.60 -4.40 -13.17
C PHE C 44 31.74 -4.59 -12.13
N ALA C 45 31.47 -5.51 -11.20
CA ALA C 45 32.36 -5.90 -10.16
C ALA C 45 32.93 -7.30 -10.45
N GLY C 46 32.77 -7.76 -11.68
CA GLY C 46 33.11 -9.17 -11.94
C GLY C 46 34.60 -9.35 -11.90
N ALA C 47 35.03 -10.49 -11.33
CA ALA C 47 36.45 -10.80 -11.16
C ALA C 47 37.09 -11.17 -12.53
N ALA C 48 37.92 -10.30 -13.07
CA ALA C 48 38.58 -10.53 -14.36
C ALA C 48 39.71 -11.53 -14.21
N GLN C 49 39.83 -12.41 -15.21
CA GLN C 49 40.97 -13.30 -15.24
C GLN C 49 41.99 -12.86 -16.31
N PRO C 50 43.29 -12.90 -15.98
CA PRO C 50 44.36 -12.65 -16.95
C PRO C 50 44.51 -13.72 -18.04
N PRO C 51 45.04 -13.33 -19.22
CA PRO C 51 45.75 -12.12 -19.45
C PRO C 51 44.83 -10.94 -19.67
N TYR C 52 45.36 -9.78 -19.33
CA TYR C 52 44.67 -8.55 -19.59
C TYR C 52 45.08 -7.88 -20.86
N SER C 53 44.24 -6.97 -21.33
CA SER C 53 44.61 -6.22 -22.49
C SER C 53 45.66 -5.16 -22.15
N PRO C 54 46.37 -4.65 -23.19
CA PRO C 54 47.25 -3.43 -23.05
C PRO C 54 46.54 -2.29 -22.33
N ALA C 55 45.29 -1.99 -22.72
CA ALA C 55 44.48 -0.94 -22.10
C ALA C 55 44.31 -1.22 -20.63
N ALA C 56 43.97 -2.45 -20.28
CA ALA C 56 43.75 -2.79 -18.90
C ALA C 56 45.01 -2.68 -18.05
N GLN C 57 46.10 -3.21 -18.60
CA GLN C 57 47.38 -3.18 -17.91
C GLN C 57 47.84 -1.72 -17.65
N ARG C 58 47.66 -0.85 -18.62
CA ARG C 58 47.98 0.55 -18.38
C ARG C 58 47.10 1.19 -17.33
N HIS C 60 45.80 -0.41 -14.87
CA HIS C 60 46.24 -0.97 -13.62
C HIS C 60 47.45 -0.23 -13.05
N THR C 61 48.38 0.06 -13.93
CA THR C 61 49.59 0.79 -13.50
C THR C 61 49.11 2.09 -12.83
N ILE C 62 48.28 2.81 -13.62
CA ILE C 62 47.77 4.15 -13.27
C ILE C 62 47.19 4.09 -11.88
N TRP C 63 46.50 2.99 -11.57
CA TRP C 63 45.91 2.75 -10.28
C TRP C 63 46.87 2.26 -9.13
N GLY C 64 48.15 2.25 -9.40
CA GLY C 64 49.11 1.89 -8.36
C GLY C 64 49.07 0.39 -8.11
N LEU C 65 48.86 -0.37 -9.19
CA LEU C 65 48.87 -1.86 -9.11
C LEU C 65 49.82 -2.48 -10.16
N ALA C 66 50.25 -3.74 -9.98
CA ALA C 66 51.09 -4.34 -11.05
C ALA C 66 50.23 -4.67 -12.32
N PRO C 67 50.79 -4.59 -13.55
CA PRO C 67 49.99 -4.73 -14.82
C PRO C 67 49.14 -6.01 -14.86
N ASP C 68 49.73 -7.14 -14.43
CA ASP C 68 49.01 -8.42 -14.45
C ASP C 68 48.46 -8.88 -13.10
N ASP C 69 48.52 -8.01 -12.10
CA ASP C 69 47.77 -8.16 -10.85
C ASP C 69 46.24 -8.13 -10.99
N ASP C 70 45.59 -8.57 -9.91
CA ASP C 70 44.14 -8.77 -9.92
C ASP C 70 43.50 -7.50 -9.41
N ALA C 71 43.33 -6.53 -10.29
CA ALA C 71 42.76 -5.26 -9.88
C ALA C 71 41.36 -5.34 -9.29
N VAL C 72 40.51 -6.24 -9.81
CA VAL C 72 39.17 -6.28 -9.35
C VAL C 72 39.09 -6.70 -7.86
N LEU C 73 39.94 -7.68 -7.46
CA LEU C 73 40.08 -8.03 -6.10
C LEU C 73 40.58 -6.79 -5.29
N TYR C 74 41.58 -6.06 -5.78
CA TYR C 74 42.05 -4.85 -5.04
C TYR C 74 40.84 -3.88 -4.90
N ARG C 75 40.21 -3.62 -6.03
CA ARG C 75 39.07 -2.66 -5.99
C ARG C 75 37.89 -3.11 -5.22
N ARG C 76 37.61 -4.43 -5.19
CA ARG C 76 36.57 -4.94 -4.37
C ARG C 76 36.83 -4.76 -2.84
N LYS C 77 38.08 -4.85 -2.43
CA LYS C 77 38.42 -4.66 -1.01
C LYS C 77 38.30 -3.12 -0.77
N GLU C 78 38.60 -2.27 -1.75
CA GLU C 78 38.47 -0.76 -1.49
C GLU C 78 36.98 -0.51 -1.25
N ASP C 79 36.12 -1.11 -2.10
CA ASP C 79 34.67 -1.01 -1.94
C ASP C 79 34.04 -1.43 -0.62
N ILE C 80 34.56 -2.53 -0.08
CA ILE C 80 34.11 -2.92 1.18
C ILE C 80 34.68 -1.94 2.22
N ALA C 81 35.92 -1.44 2.09
CA ALA C 81 36.41 -0.47 3.10
C ALA C 81 35.61 0.83 3.03
N ALA C 82 35.29 1.30 1.82
CA ALA C 82 34.47 2.52 1.71
C ALA C 82 33.09 2.31 2.24
N LEU C 83 32.46 1.22 1.85
CA LEU C 83 31.08 1.02 2.21
C LEU C 83 31.01 0.64 3.71
N ASP C 84 32.09 0.05 4.26
CA ASP C 84 32.13 -0.22 5.70
C ASP C 84 32.28 1.14 6.40
N HIS C 85 33.13 2.02 5.85
CA HIS C 85 33.20 3.37 6.38
C HIS C 85 31.85 4.08 6.47
N LEU C 86 30.95 3.83 5.49
CA LEU C 86 29.59 4.41 5.54
C LEU C 86 28.64 3.48 6.18
N ARG C 87 29.24 2.41 6.71
CA ARG C 87 28.58 1.25 7.31
C ARG C 87 27.30 0.85 6.53
N VAL C 88 27.42 0.64 5.18
CA VAL C 88 26.25 0.08 4.40
C VAL C 88 26.71 -1.24 3.76
N ALA C 89 25.77 -2.04 3.29
CA ALA C 89 26.09 -3.46 2.76
C ALA C 89 26.56 -3.36 1.31
N HIS C 90 27.27 -4.39 0.88
CA HIS C 90 27.69 -4.46 -0.55
C HIS C 90 27.21 -5.77 -1.23
N ARG C 91 27.16 -5.79 -2.58
CA ARG C 91 26.97 -7.05 -3.32
C ARG C 91 27.70 -6.90 -4.62
N HIS C 92 28.68 -7.78 -4.91
CA HIS C 92 29.55 -7.60 -6.04
C HIS C 92 29.03 -8.48 -7.24
N GLY C 93 28.52 -7.79 -8.25
CA GLY C 93 28.03 -8.48 -9.47
C GLY C 93 29.10 -9.10 -10.29
N ARG C 94 28.63 -9.73 -11.35
CA ARG C 94 29.50 -10.64 -12.14
C ARG C 94 30.06 -10.02 -13.43
N PHE C 95 29.55 -8.82 -13.78
CA PHE C 95 29.90 -8.23 -15.11
C PHE C 95 31.31 -7.61 -15.13
N LEU C 96 32.00 -7.82 -16.25
CA LEU C 96 33.40 -7.36 -16.34
C LEU C 96 33.41 -5.91 -16.75
N ASP C 97 34.21 -5.13 -15.99
CA ASP C 97 34.45 -3.73 -16.36
C ASP C 97 34.93 -3.60 -17.87
N SER C 98 34.75 -2.44 -18.51
CA SER C 98 34.87 -2.33 -19.96
C SER C 98 36.26 -2.76 -20.47
N ILE C 99 37.26 -2.55 -19.62
CA ILE C 99 38.70 -2.85 -19.96
C ILE C 99 38.97 -4.31 -19.86
N TYR C 100 38.01 -5.13 -19.44
CA TYR C 100 38.23 -6.59 -19.49
C TYR C 100 37.32 -7.30 -20.50
N ARG C 101 36.40 -6.57 -21.11
CA ARG C 101 35.40 -7.24 -22.02
C ARG C 101 35.92 -7.44 -23.41
N LYS C 102 35.52 -8.57 -24.03
CA LYS C 102 35.76 -8.89 -25.46
C LYS C 102 34.51 -8.77 -26.31
N LEU C 103 34.65 -8.24 -27.53
CA LEU C 103 33.53 -8.13 -28.45
C LEU C 103 33.30 -9.46 -29.14
N PRO C 104 32.08 -9.68 -29.69
CA PRO C 104 31.81 -11.00 -30.28
C PRO C 104 32.81 -11.44 -31.34
N ASP C 105 33.46 -10.49 -32.03
CA ASP C 105 34.48 -10.80 -33.02
C ASP C 105 35.80 -11.09 -32.32
N GLY C 106 35.80 -11.03 -30.98
CA GLY C 106 36.95 -11.34 -30.12
C GLY C 106 37.98 -10.23 -29.95
N ARG C 107 37.75 -9.09 -30.59
CA ARG C 107 38.62 -7.98 -30.31
C ARG C 107 38.28 -7.47 -28.89
N TRP C 108 39.15 -6.64 -28.31
CA TRP C 108 38.83 -5.98 -27.03
C TRP C 108 37.77 -4.92 -27.21
N LEU C 109 36.87 -4.77 -26.21
CA LEU C 109 35.96 -3.65 -26.27
C LEU C 109 36.64 -2.29 -26.29
N THR C 110 37.66 -2.11 -25.46
CA THR C 110 38.26 -0.80 -25.24
C THR C 110 39.70 -0.89 -25.74
N ALA C 111 40.10 0.19 -26.35
CA ALA C 111 41.45 0.28 -26.85
C ALA C 111 42.18 1.29 -26.06
N HIS C 112 43.48 1.04 -25.98
CA HIS C 112 44.41 1.92 -25.33
C HIS C 112 44.71 3.10 -26.25
N VAL C 113 44.65 4.31 -25.72
CA VAL C 113 45.06 5.51 -26.48
C VAL C 113 45.79 6.51 -25.59
N GLU C 114 47.09 6.59 -25.80
CA GLU C 114 47.98 7.37 -24.94
C GLU C 114 48.05 8.83 -25.36
N GLY C 115 48.48 9.65 -24.41
CA GLY C 115 48.31 11.09 -24.48
C GLY C 115 47.11 11.46 -23.64
N ARG C 116 47.12 10.97 -22.39
CA ARG C 116 46.19 11.37 -21.35
C ARG C 116 44.75 10.88 -21.60
N GLN C 117 44.45 10.49 -22.86
CA GLN C 117 43.12 9.97 -23.20
C GLN C 117 42.88 8.58 -22.64
N LYS C 118 43.95 7.79 -22.56
CA LYS C 118 43.95 6.47 -21.88
C LYS C 118 43.16 5.42 -22.64
N LEU C 119 41.90 5.77 -22.93
CA LEU C 119 40.84 4.82 -23.21
C LEU C 119 39.83 5.26 -24.23
N ALA C 120 39.47 4.33 -25.09
CA ALA C 120 38.53 4.56 -26.14
C ALA C 120 37.79 3.27 -26.37
N VAL C 121 36.51 3.37 -26.67
CA VAL C 121 35.72 2.20 -27.06
C VAL C 121 35.73 1.91 -28.57
N ASN C 122 35.99 0.65 -28.91
CA ASN C 122 36.06 0.21 -30.27
C ASN C 122 34.64 0.15 -30.81
N ASP C 123 34.42 0.68 -32.01
CA ASP C 123 33.08 0.56 -32.54
C ASP C 123 32.69 -0.93 -32.88
N HIS C 124 31.40 -1.25 -32.73
CA HIS C 124 30.94 -2.65 -32.77
C HIS C 124 29.44 -2.61 -33.01
N SER C 125 28.85 -3.75 -33.37
CA SER C 125 27.41 -3.69 -33.63
C SER C 125 26.66 -3.59 -32.30
N PRO C 126 25.52 -2.87 -32.31
CA PRO C 126 24.77 -2.69 -31.08
C PRO C 126 24.20 -3.98 -30.53
N ASP C 127 24.19 -5.08 -31.29
CA ASP C 127 23.65 -6.40 -30.78
C ASP C 127 24.20 -6.70 -29.39
N SER C 128 25.53 -6.57 -29.23
CA SER C 128 26.21 -7.01 -28.00
C SER C 128 25.86 -6.09 -26.81
N ASP C 129 25.57 -4.82 -27.14
CA ASP C 129 25.17 -3.80 -26.16
C ASP C 129 23.79 -4.20 -25.62
N HIS C 130 22.88 -4.52 -26.55
CA HIS C 130 21.55 -4.94 -26.17
C HIS C 130 21.57 -6.21 -25.37
N ASP C 131 22.42 -7.17 -25.74
CA ASP C 131 22.50 -8.45 -25.04
C ASP C 131 23.02 -8.22 -23.62
N LEU C 132 23.93 -7.26 -23.50
CA LEU C 132 24.54 -6.92 -22.18
C LEU C 132 23.46 -6.31 -21.29
N VAL C 133 22.69 -5.41 -21.83
CA VAL C 133 21.61 -4.80 -21.06
C VAL C 133 20.61 -5.90 -20.62
N GLY C 134 20.25 -6.82 -21.52
CA GLY C 134 19.40 -7.92 -21.08
C GLY C 134 19.95 -8.74 -19.93
N GLU C 135 21.25 -9.11 -19.99
CA GLU C 135 21.82 -9.84 -18.95
C GLU C 135 21.80 -9.07 -17.60
N VAL C 136 22.30 -7.82 -17.64
CA VAL C 136 22.35 -7.07 -16.41
C VAL C 136 20.90 -6.89 -15.89
N ALA C 137 19.93 -6.72 -16.77
CA ALA C 137 18.53 -6.53 -16.26
C ALA C 137 18.05 -7.84 -15.56
N ASP C 138 18.43 -9.02 -16.07
CA ASP C 138 18.04 -10.27 -15.39
C ASP C 138 18.63 -10.35 -13.95
N ASP C 139 19.89 -9.94 -13.81
CA ASP C 139 20.53 -9.97 -12.53
C ASP C 139 19.91 -8.96 -11.58
N ILE C 140 19.49 -7.79 -12.08
CA ILE C 140 18.86 -6.73 -11.24
C ILE C 140 17.44 -7.22 -10.86
N ARG C 141 16.74 -7.79 -11.82
CA ARG C 141 15.39 -8.39 -11.48
C ARG C 141 15.46 -9.44 -10.34
N SER C 142 16.49 -10.31 -10.35
CA SER C 142 16.79 -11.26 -9.26
C SER C 142 17.09 -10.61 -7.92
N ILE C 143 17.81 -9.49 -7.96
CA ILE C 143 18.22 -8.88 -6.72
C ILE C 143 16.99 -8.18 -6.14
N ILE C 144 16.12 -7.74 -7.02
CA ILE C 144 14.95 -6.97 -6.61
C ILE C 144 14.13 -7.96 -5.75
N ASP C 145 14.01 -9.18 -6.26
CA ASP C 145 13.40 -10.30 -5.56
C ASP C 145 13.99 -10.59 -4.20
N GLU C 146 15.28 -10.91 -4.16
CA GLU C 146 15.95 -11.24 -2.94
C GLU C 146 15.79 -10.14 -1.90
N PHE C 147 15.91 -8.88 -2.32
CA PHE C 147 16.16 -7.77 -1.37
C PHE C 147 14.93 -6.95 -1.03
N ASP C 148 13.96 -6.95 -1.96
CA ASP C 148 12.73 -6.19 -1.89
C ASP C 148 12.93 -4.68 -1.69
N PRO C 149 13.77 -4.04 -2.55
CA PRO C 149 13.96 -2.58 -2.30
C PRO C 149 12.66 -1.76 -2.36
N THR C 150 12.58 -0.67 -1.59
CA THR C 150 11.45 0.29 -1.74
C THR C 150 11.71 1.37 -2.80
N LEU C 151 13.00 1.58 -3.05
CA LEU C 151 13.46 2.55 -4.00
C LEU C 151 14.69 1.98 -4.63
N VAL C 152 14.86 2.21 -5.94
CA VAL C 152 16.12 1.93 -6.61
C VAL C 152 16.75 3.25 -7.08
N VAL C 153 18.04 3.40 -6.82
CA VAL C 153 18.75 4.56 -7.37
C VAL C 153 19.97 4.03 -8.16
N THR C 154 20.16 4.66 -9.33
CA THR C 154 21.34 4.25 -10.10
C THR C 154 21.85 5.48 -10.84
N CYS C 155 22.70 5.26 -11.82
CA CYS C 155 23.33 6.36 -12.49
C CYS C 155 22.58 6.91 -13.68
N ALA C 156 22.68 8.22 -13.89
CA ALA C 156 22.19 8.84 -15.14
C ALA C 156 23.04 8.53 -16.40
N ALA C 157 24.31 8.15 -16.19
CA ALA C 157 25.33 7.86 -17.22
C ALA C 157 25.72 9.15 -18.00
N ILE C 158 25.70 10.25 -17.24
CA ILE C 158 26.33 11.52 -17.67
C ILE C 158 27.79 11.22 -17.87
N GLY C 159 28.38 11.63 -19.01
CA GLY C 159 29.75 11.13 -19.35
C GLY C 159 29.75 10.02 -20.37
N GLU C 160 28.58 9.34 -20.55
CA GLU C 160 28.46 8.30 -21.57
C GLU C 160 29.39 7.10 -21.46
N HIS C 161 29.76 6.73 -20.24
CA HIS C 161 30.52 5.50 -20.02
C HIS C 161 29.63 4.34 -20.44
N PRO C 162 30.08 3.44 -21.29
CA PRO C 162 29.21 2.33 -21.73
C PRO C 162 28.70 1.44 -20.61
N ASP C 163 29.54 1.21 -19.59
CA ASP C 163 29.11 0.42 -18.44
C ASP C 163 27.97 1.16 -17.74
N ASN C 164 28.12 2.48 -17.62
CA ASN C 164 27.11 3.26 -16.87
C ASN C 164 25.75 3.25 -17.61
N GLU C 165 25.83 3.39 -18.95
CA GLU C 165 24.66 3.37 -19.81
C GLU C 165 24.05 1.98 -19.68
N ALA C 166 24.83 0.90 -19.64
CA ALA C 166 24.18 -0.45 -19.59
C ALA C 166 23.49 -0.57 -18.22
N THR C 167 24.19 -0.12 -17.16
CA THR C 167 23.64 -0.28 -15.84
C THR C 167 22.28 0.49 -15.73
N ARG C 168 22.29 1.76 -16.15
CA ARG C 168 21.10 2.64 -16.20
C ARG C 168 20.00 2.00 -17.01
N ASP C 169 20.29 1.58 -18.23
CA ASP C 169 19.22 1.05 -19.10
C ASP C 169 18.66 -0.23 -18.45
N ALA C 170 19.51 -1.17 -17.98
CA ALA C 170 19.03 -2.42 -17.37
C ALA C 170 18.18 -2.08 -16.14
N ALA C 171 18.66 -1.15 -15.29
CA ALA C 171 17.84 -0.76 -14.10
C ALA C 171 16.45 -0.20 -14.52
N LEU C 172 16.37 0.58 -15.58
CA LEU C 172 15.11 1.14 -16.06
C LEU C 172 14.19 0.00 -16.40
N PHE C 173 14.69 -0.97 -17.17
CA PHE C 173 13.84 -2.10 -17.57
C PHE C 173 13.44 -2.97 -16.43
N ALA C 174 14.37 -3.24 -15.52
CA ALA C 174 14.12 -4.13 -14.39
C ALA C 174 13.11 -3.48 -13.44
N THR C 175 13.38 -2.21 -13.06
CA THR C 175 12.50 -1.54 -12.11
C THR C 175 11.11 -1.31 -12.68
N HIS C 176 10.98 -0.99 -13.98
CA HIS C 176 9.69 -0.85 -14.60
C HIS C 176 8.87 -2.14 -14.56
N GLU C 177 9.52 -3.28 -14.81
CA GLU C 177 8.81 -4.57 -14.58
C GLU C 177 8.49 -4.83 -13.09
N LYS C 178 9.42 -4.56 -12.21
CA LYS C 178 9.24 -4.98 -10.79
C LYS C 178 8.44 -3.98 -9.97
N ASN C 179 7.87 -2.98 -10.66
CA ASN C 179 7.16 -1.87 -9.98
C ASN C 179 7.87 -1.22 -8.80
N VAL C 180 9.08 -0.74 -9.02
CA VAL C 180 9.85 -0.19 -7.98
C VAL C 180 10.24 1.20 -8.48
N PRO C 181 9.99 2.23 -7.67
CA PRO C 181 10.37 3.57 -8.12
C PRO C 181 11.86 3.62 -8.35
N VAL C 182 12.28 4.38 -9.37
CA VAL C 182 13.70 4.49 -9.62
C VAL C 182 14.07 5.96 -9.84
N ARG C 183 15.29 6.27 -9.43
CA ARG C 183 15.82 7.59 -9.57
C ARG C 183 17.23 7.45 -10.15
N LEU C 184 17.71 8.52 -10.78
CA LEU C 184 19.11 8.53 -11.27
C LEU C 184 19.92 9.60 -10.58
N TRP C 185 21.13 9.26 -10.16
CA TRP C 185 22.04 10.23 -9.69
C TRP C 185 22.84 10.90 -10.80
N GLU C 186 23.22 12.15 -10.57
CA GLU C 186 24.15 12.79 -11.44
C GLU C 186 25.57 12.13 -11.33
N ASP C 187 26.12 11.54 -12.37
CA ASP C 187 27.44 10.82 -12.26
C ASP C 187 28.55 11.78 -11.98
N LEU C 188 29.25 11.52 -10.90
CA LEU C 188 30.43 12.32 -10.58
C LEU C 188 31.68 11.53 -10.80
N PRO C 189 32.76 12.13 -11.27
CA PRO C 189 32.96 13.57 -11.44
C PRO C 189 32.50 14.06 -12.80
N TYR C 190 31.95 13.16 -13.64
CA TYR C 190 31.57 13.56 -15.02
C TYR C 190 30.70 14.84 -15.01
N ALA C 191 29.76 14.97 -14.09
CA ALA C 191 28.78 16.09 -14.15
C ALA C 191 29.47 17.42 -13.92
N VAL C 192 30.69 17.41 -13.36
CA VAL C 192 31.45 18.65 -13.23
C VAL C 192 31.96 19.20 -14.56
N PHE C 193 32.15 18.37 -15.57
CA PHE C 193 32.77 18.80 -16.83
C PHE C 193 32.03 18.38 -18.09
N LYS C 194 30.88 17.75 -17.90
CA LYS C 194 30.08 17.28 -19.03
C LYS C 194 28.72 17.90 -18.91
N SER C 195 28.06 18.08 -20.05
CA SER C 195 26.72 18.74 -20.13
C SER C 195 25.61 18.48 -19.04
N GLY C 196 25.23 17.24 -18.91
CA GLY C 196 24.22 16.80 -17.94
C GLY C 196 23.15 16.04 -18.74
N ALA C 197 22.98 16.40 -20.02
CA ALA C 197 21.86 15.90 -20.81
C ALA C 197 22.13 14.51 -21.17
N VAL C 198 21.14 13.63 -21.08
CA VAL C 198 21.39 12.22 -21.49
C VAL C 198 20.25 11.76 -22.39
N GLU C 199 20.55 10.76 -23.20
CA GLU C 199 19.50 10.16 -24.06
C GLU C 199 19.05 8.86 -23.34
N LEU C 200 17.79 8.80 -22.88
CA LEU C 200 17.29 7.55 -22.28
C LEU C 200 16.73 6.55 -23.28
N PRO C 201 16.57 5.25 -22.90
CA PRO C 201 15.83 4.39 -23.83
C PRO C 201 14.43 4.92 -24.10
N GLN C 202 13.95 4.58 -25.28
CA GLN C 202 12.61 5.00 -25.78
C GLN C 202 11.54 4.64 -24.74
N GLY C 203 10.70 5.63 -24.45
CA GLY C 203 9.65 5.36 -23.47
C GLY C 203 9.87 5.91 -22.10
N PHE C 204 11.12 6.31 -21.76
CA PHE C 204 11.45 6.82 -20.44
C PHE C 204 11.89 8.26 -20.50
N ARG C 205 11.57 9.01 -19.43
CA ARG C 205 11.91 10.42 -19.41
C ARG C 205 12.20 10.79 -17.99
N LEU C 206 13.04 11.80 -17.81
CA LEU C 206 13.32 12.32 -16.47
C LEU C 206 12.18 13.20 -15.97
N GLY C 207 11.96 13.12 -14.66
CA GLY C 207 11.15 14.12 -13.96
C GLY C 207 11.96 15.32 -13.49
N SER C 208 11.33 16.18 -12.66
CA SER C 208 12.06 17.32 -12.09
C SER C 208 13.18 16.94 -11.19
N ALA C 209 14.33 17.63 -11.30
CA ALA C 209 15.52 17.34 -10.51
C ALA C 209 15.22 17.57 -9.04
N ASP C 210 16.01 16.92 -8.20
CA ASP C 210 16.06 17.14 -6.74
C ASP C 210 17.54 17.34 -6.32
N VAL C 211 17.77 18.38 -5.53
CA VAL C 211 19.13 18.66 -5.10
C VAL C 211 18.98 18.47 -3.60
N SER C 212 19.61 17.42 -3.04
CA SER C 212 19.35 17.08 -1.63
C SER C 212 20.01 18.11 -0.73
N SER C 213 19.54 18.18 0.51
CA SER C 213 20.19 19.04 1.48
C SER C 213 20.94 18.17 2.44
N VAL C 214 22.27 18.25 2.36
CA VAL C 214 23.22 17.48 3.16
C VAL C 214 24.00 18.41 4.12
N LYS C 215 23.97 18.05 5.40
CA LYS C 215 24.71 18.81 6.39
C LYS C 215 26.20 18.49 6.24
N PRO C 216 27.10 19.39 6.68
CA PRO C 216 28.48 19.11 6.47
C PRO C 216 28.97 17.77 7.09
N GLU C 217 28.32 17.37 8.18
CA GLU C 217 28.68 16.08 8.82
C GLU C 217 28.70 14.99 7.74
N ARG C 219 28.59 15.31 4.30
CA ARG C 219 29.65 15.48 3.31
C ARG C 219 31.01 14.87 3.75
N SER C 220 31.39 15.03 5.02
CA SER C 220 32.70 14.57 5.51
C SER C 220 32.75 13.06 5.40
N GLN C 221 31.73 12.42 5.91
CA GLN C 221 31.60 10.98 5.84
C GLN C 221 31.77 10.51 4.41
N LYS C 222 31.05 11.14 3.49
CA LYS C 222 31.15 10.64 2.10
C LYS C 222 32.61 10.77 1.58
N PHE C 223 33.26 11.90 1.85
CA PHE C 223 34.60 12.13 1.31
C PHE C 223 35.64 11.19 1.93
N GLN C 224 35.32 10.79 3.15
CA GLN C 224 36.18 9.84 3.90
C GLN C 224 36.05 8.51 3.19
N ALA C 225 34.81 8.20 2.83
CA ALA C 225 34.44 6.96 2.08
C ALA C 225 35.09 6.91 0.75
N VAL C 226 35.00 8.01 -0.01
CA VAL C 226 35.76 8.18 -1.22
C VAL C 226 37.26 7.85 -1.10
N GLU C 227 37.92 8.35 -0.04
CA GLU C 227 39.38 8.26 0.12
C GLU C 227 39.93 6.83 0.25
N ARG C 228 39.08 5.93 0.69
CA ARG C 228 39.35 4.48 0.60
C ARG C 228 39.64 3.94 -0.80
N TYR C 229 39.07 4.55 -1.83
CA TYR C 229 39.37 4.04 -3.13
C TYR C 229 40.62 4.63 -3.60
N SER C 230 41.72 4.29 -2.91
CA SER C 230 42.96 5.00 -3.18
C SER C 230 43.59 4.71 -4.51
N SER C 231 43.37 3.51 -5.06
CA SER C 231 43.77 3.21 -6.44
C SER C 231 43.31 4.22 -7.48
N GLN C 232 42.15 4.84 -7.26
CA GLN C 232 41.51 5.62 -8.30
C GLN C 232 42.12 7.04 -8.40
N VAL C 234 45.57 7.75 -6.03
CA VAL C 234 47.03 7.44 -5.81
C VAL C 234 47.45 5.99 -6.20
N LEU C 243 40.48 16.60 -6.06
CA LEU C 243 39.17 16.33 -6.68
C LEU C 243 38.02 16.87 -5.83
N PHE C 244 38.19 16.83 -4.53
CA PHE C 244 37.14 17.26 -3.62
C PHE C 244 36.75 18.74 -3.73
N ASP C 245 37.70 19.59 -4.13
CA ASP C 245 37.45 20.99 -4.52
C ASP C 245 36.47 21.20 -5.71
N ARG C 246 36.61 20.42 -6.78
CA ARG C 246 35.65 20.53 -7.89
C ARG C 246 34.25 20.10 -7.41
N LEU C 247 34.20 19.02 -6.62
CA LEU C 247 32.92 18.50 -6.17
C LEU C 247 32.14 19.44 -5.26
N ASP C 248 32.83 20.10 -4.32
CA ASP C 248 32.16 21.03 -3.38
C ASP C 248 31.47 22.17 -4.09
N GLU C 249 32.19 22.73 -5.02
CA GLU C 249 31.66 23.90 -5.68
C GLU C 249 30.53 23.44 -6.60
N HIS C 250 30.73 22.35 -7.33
CA HIS C 250 29.64 21.82 -8.13
C HIS C 250 28.37 21.68 -7.28
N ALA C 251 28.50 21.13 -6.08
CA ALA C 251 27.32 21.01 -5.27
C ALA C 251 26.74 22.34 -4.81
N ARG C 252 27.61 23.31 -4.57
CA ARG C 252 27.16 24.59 -4.01
C ARG C 252 26.30 25.35 -5.02
N GLN C 253 26.75 25.39 -6.28
CA GLN C 253 25.95 25.92 -7.38
C GLN C 253 24.51 25.44 -7.24
N ASN C 254 24.35 24.13 -7.05
CA ASN C 254 23.07 23.45 -7.08
C ASN C 254 22.25 23.68 -5.82
N ALA C 255 22.93 23.94 -4.70
CA ALA C 255 22.25 24.05 -3.42
C ALA C 255 21.40 25.32 -3.37
N PRO C 256 20.13 25.18 -2.95
CA PRO C 256 19.54 26.45 -2.48
C PRO C 256 20.21 26.90 -1.16
N HIS C 257 21.28 27.70 -1.34
CA HIS C 257 22.03 28.41 -0.26
C HIS C 257 22.20 27.51 0.99
N GLY C 258 22.28 26.22 0.70
CA GLY C 258 22.94 25.28 1.56
C GLY C 258 24.39 25.21 1.07
N GLY C 259 25.12 24.25 1.67
CA GLY C 259 26.44 23.88 1.22
C GLY C 259 26.29 22.73 0.23
N TYR C 260 26.24 21.50 0.79
CA TYR C 260 26.41 20.27 0.00
C TYR C 260 25.07 19.61 -0.35
N GLY C 261 25.09 18.89 -1.47
CA GLY C 261 23.90 18.13 -1.89
C GLY C 261 24.22 17.32 -3.14
N GLU C 262 23.32 16.40 -3.46
CA GLU C 262 23.49 15.61 -4.68
C GLU C 262 22.23 15.74 -5.52
N THR C 263 22.40 15.87 -6.84
CA THR C 263 21.26 15.98 -7.73
C THR C 263 20.80 14.61 -8.19
N THR C 264 19.50 14.35 -8.05
CA THR C 264 18.87 13.14 -8.64
C THR C 264 17.62 13.49 -9.41
N TRP C 265 17.22 12.62 -10.32
CA TRP C 265 15.97 12.75 -11.02
C TRP C 265 15.16 11.43 -10.87
N PRO C 266 13.83 11.50 -10.75
CA PRO C 266 13.06 10.28 -10.89
C PRO C 266 12.95 10.01 -12.39
N VAL C 267 12.78 8.71 -12.74
CA VAL C 267 12.61 8.43 -14.13
C VAL C 267 11.25 7.83 -14.29
N VAL C 268 10.50 8.39 -15.23
CA VAL C 268 9.11 7.88 -15.46
C VAL C 268 8.90 7.48 -16.89
N ARG C 269 7.75 6.88 -17.20
CA ARG C 269 7.41 6.71 -18.59
C ARG C 269 6.89 7.97 -19.25
N SER C 270 7.23 8.15 -20.51
CA SER C 270 6.76 9.26 -21.35
C SER C 270 5.28 9.04 -21.61
N ASP C 271 4.59 10.13 -21.74
CA ASP C 271 3.19 10.12 -22.29
C ASP C 271 3.14 9.39 -23.63
N ASP C 272 2.04 8.67 -23.86
CA ASP C 272 1.87 7.83 -25.05
C ASP C 272 2.95 6.73 -25.15
N SER C 273 3.38 6.24 -24.12
N THR D 8 -2.81 28.86 12.65
CA THR D 8 -3.38 28.02 13.80
C THR D 8 -2.70 26.69 13.93
N ARG D 9 -2.29 26.36 15.15
CA ARG D 9 -1.50 25.16 15.42
C ARG D 9 -2.20 24.62 16.65
N LEU D 10 -3.06 23.62 16.45
CA LEU D 10 -3.90 22.99 17.48
C LEU D 10 -3.19 21.68 17.96
N LEU D 11 -2.87 21.64 19.27
CA LEU D 11 -2.26 20.43 19.85
C LEU D 11 -3.37 19.86 20.77
N ALA D 12 -3.85 18.64 20.44
CA ALA D 12 -4.82 17.97 21.29
C ALA D 12 -4.01 16.92 22.01
N ILE D 13 -4.24 16.84 23.31
CA ILE D 13 -3.47 15.95 24.19
C ILE D 13 -4.47 14.95 24.71
N SER D 14 -4.34 13.74 24.16
CA SER D 14 -5.28 12.66 24.41
C SER D 14 -4.72 11.74 25.53
N PRO D 15 -5.53 11.38 26.53
CA PRO D 15 -4.93 10.42 27.47
C PRO D 15 -4.68 9.06 26.88
N HIS D 16 -5.70 8.47 26.25
CA HIS D 16 -5.58 7.15 25.68
C HIS D 16 -5.74 7.20 24.20
N LEU D 17 -5.39 6.07 23.57
CA LEU D 17 -5.48 5.93 22.08
C LEU D 17 -6.95 5.79 21.68
N ASP D 18 -7.55 6.94 21.40
CA ASP D 18 -8.97 7.10 20.95
C ASP D 18 -9.71 8.28 21.63
N ASP D 19 -9.23 8.74 22.78
CA ASP D 19 -9.98 9.76 23.51
C ASP D 19 -10.26 11.05 22.77
N ALA D 20 -9.27 11.53 22.08
CA ALA D 20 -9.39 12.83 21.40
C ALA D 20 -10.36 12.68 20.24
N VAL D 21 -10.33 11.51 19.60
CA VAL D 21 -11.29 11.30 18.49
C VAL D 21 -12.69 11.11 18.99
N LEU D 22 -12.88 10.32 20.07
CA LEU D 22 -14.27 10.10 20.58
C LEU D 22 -14.87 11.37 21.18
N SER D 23 -14.05 12.17 21.88
CA SER D 23 -14.53 13.36 22.56
C SER D 23 -14.39 14.64 21.73
N PHE D 24 -13.47 14.68 20.80
CA PHE D 24 -13.22 15.96 20.08
C PHE D 24 -13.02 15.78 18.57
N GLY D 25 -13.41 14.61 18.03
CA GLY D 25 -13.07 14.33 16.66
C GLY D 25 -13.73 15.29 15.68
N ALA D 26 -14.90 15.79 16.04
CA ALA D 26 -15.54 16.87 15.18
C ALA D 26 -14.65 18.15 15.17
N GLY D 27 -14.12 18.53 16.35
CA GLY D 27 -13.23 19.68 16.50
C GLY D 27 -11.95 19.46 15.69
N LEU D 28 -11.41 18.22 15.72
CA LEU D 28 -10.21 17.97 14.96
C LEU D 28 -10.54 18.09 13.48
N ALA D 29 -11.70 17.57 13.12
CA ALA D 29 -12.11 17.53 11.68
C ALA D 29 -12.29 18.96 11.15
N GLN D 30 -12.88 19.82 11.98
CA GLN D 30 -13.24 21.21 11.71
C GLN D 30 -11.92 21.95 11.50
N ALA D 31 -10.96 21.70 12.40
CA ALA D 31 -9.68 22.39 12.34
C ALA D 31 -8.88 22.00 11.12
N ALA D 32 -8.85 20.70 10.82
CA ALA D 32 -8.20 20.21 9.63
C ALA D 32 -8.84 20.84 8.36
N GLN D 33 -10.17 20.91 8.37
CA GLN D 33 -10.96 21.60 7.32
C GLN D 33 -10.56 23.05 7.12
N ASP D 34 -10.48 23.79 8.21
CA ASP D 34 -10.10 25.20 8.18
C ASP D 34 -8.59 25.41 7.81
N GLY D 35 -7.87 24.31 7.58
CA GLY D 35 -6.46 24.33 7.19
C GLY D 35 -5.40 24.42 8.29
N ALA D 36 -5.80 24.19 9.56
CA ALA D 36 -4.83 24.28 10.69
C ALA D 36 -3.88 23.13 10.63
N ASN D 37 -2.83 23.31 11.38
CA ASN D 37 -1.80 22.34 11.52
C ASN D 37 -2.28 21.69 12.83
N VAL D 38 -2.58 20.40 12.76
CA VAL D 38 -3.21 19.73 13.94
C VAL D 38 -2.35 18.54 14.35
N LEU D 39 -2.01 18.46 15.66
CA LEU D 39 -1.24 17.32 16.15
C LEU D 39 -1.97 16.75 17.36
N VAL D 40 -2.17 15.45 17.35
CA VAL D 40 -2.84 14.78 18.47
C VAL D 40 -1.74 13.96 19.12
N TYR D 41 -1.34 14.43 20.30
CA TYR D 41 -0.34 13.75 21.12
C TYR D 41 -1.09 12.85 22.13
N THR D 42 -0.84 11.55 22.11
CA THR D 42 -1.50 10.66 23.11
C THR D 42 -0.47 10.31 24.16
N VAL D 43 -0.82 10.70 25.42
CA VAL D 43 0.11 10.56 26.51
C VAL D 43 0.34 9.08 26.90
N PHE D 44 -0.70 8.33 27.17
CA PHE D 44 -0.58 6.98 27.70
C PHE D 44 -0.60 5.95 26.51
N ALA D 45 0.28 6.22 25.50
CA ALA D 45 0.44 5.34 24.37
C ALA D 45 1.71 4.50 24.52
N GLY D 46 2.30 4.47 25.70
CA GLY D 46 3.60 3.73 25.89
C GLY D 46 3.45 2.24 25.61
N ALA D 47 4.45 1.66 24.92
CA ALA D 47 4.37 0.24 24.52
C ALA D 47 4.76 -0.56 25.76
N ALA D 48 3.80 -1.13 26.46
CA ALA D 48 4.14 -1.94 27.63
C ALA D 48 4.84 -3.25 27.25
N GLN D 49 5.72 -3.67 28.13
CA GLN D 49 6.48 -4.92 27.87
C GLN D 49 5.93 -5.97 28.85
N PRO D 50 5.67 -7.17 28.37
CA PRO D 50 5.16 -8.21 29.29
C PRO D 50 6.17 -8.64 30.37
N PRO D 51 5.73 -9.31 31.43
CA PRO D 51 4.39 -9.88 31.55
C PRO D 51 3.36 -8.88 31.95
N TYR D 52 2.11 -9.21 31.65
CA TYR D 52 1.01 -8.28 31.99
C TYR D 52 0.25 -8.78 33.20
N SER D 53 -0.41 -7.88 33.93
CA SER D 53 -1.20 -8.27 35.07
C SER D 53 -2.47 -9.02 34.65
N PRO D 54 -3.07 -9.77 35.57
CA PRO D 54 -4.40 -10.37 35.24
C PRO D 54 -5.42 -9.31 34.71
N ALA D 55 -5.48 -8.13 35.37
CA ALA D 55 -6.35 -7.02 34.93
C ALA D 55 -6.10 -6.60 33.50
N ALA D 56 -4.83 -6.46 33.15
CA ALA D 56 -4.50 -6.11 31.76
C ALA D 56 -4.88 -7.23 30.79
N GLN D 57 -4.62 -8.47 31.18
CA GLN D 57 -4.87 -9.60 30.27
C GLN D 57 -6.38 -9.75 30.01
N ARG D 58 -7.17 -9.44 31.01
CA ARG D 58 -8.63 -9.49 30.89
C ARG D 58 -9.08 -8.43 29.90
N HIS D 60 -7.23 -7.10 27.52
CA HIS D 60 -6.75 -7.53 26.18
C HIS D 60 -7.77 -8.46 25.52
N THR D 61 -8.30 -9.36 26.34
CA THR D 61 -9.31 -10.30 25.84
C THR D 61 -10.63 -9.62 25.37
N ILE D 62 -11.11 -8.66 26.14
CA ILE D 62 -12.35 -7.93 25.88
C ILE D 62 -12.17 -7.17 24.57
N TRP D 63 -10.92 -6.69 24.34
CA TRP D 63 -10.55 -5.95 23.12
C TRP D 63 -10.30 -6.83 21.92
N GLY D 64 -10.51 -8.14 22.07
CA GLY D 64 -10.33 -9.05 20.93
C GLY D 64 -8.95 -9.58 20.71
N LEU D 65 -8.07 -9.44 21.72
CA LEU D 65 -6.66 -9.76 21.60
C LEU D 65 -6.30 -10.89 22.53
N ALA D 66 -5.21 -11.58 22.25
CA ALA D 66 -4.77 -12.65 23.17
C ALA D 66 -4.27 -11.97 24.47
N PRO D 67 -4.46 -12.61 25.67
CA PRO D 67 -4.02 -12.01 26.94
C PRO D 67 -2.60 -11.40 26.90
N ASP D 68 -1.64 -12.03 26.20
CA ASP D 68 -0.23 -11.62 26.25
C ASP D 68 0.23 -10.90 24.98
N ASP D 69 -0.76 -10.54 24.16
CA ASP D 69 -0.56 -9.77 22.93
C ASP D 69 -0.02 -8.41 23.29
N ASP D 70 0.68 -7.80 22.32
CA ASP D 70 1.13 -6.45 22.47
C ASP D 70 -0.06 -5.51 22.14
N ALA D 71 -0.95 -5.27 23.11
CA ALA D 71 -2.15 -4.59 22.73
C ALA D 71 -1.82 -3.14 22.34
N VAL D 72 -0.74 -2.60 22.92
CA VAL D 72 -0.51 -1.19 22.61
C VAL D 72 -0.18 -1.01 21.17
N LEU D 73 0.63 -1.91 20.61
CA LEU D 73 1.05 -1.64 19.26
C LEU D 73 -0.21 -1.73 18.35
N TYR D 74 -1.14 -2.63 18.66
CA TYR D 74 -2.44 -2.70 17.92
C TYR D 74 -3.25 -1.43 18.02
N ARG D 75 -3.39 -0.91 19.22
CA ARG D 75 -4.11 0.37 19.36
C ARG D 75 -3.41 1.54 18.69
N ARG D 76 -2.11 1.53 18.70
CA ARG D 76 -1.38 2.61 18.04
C ARG D 76 -1.72 2.60 16.52
N LYS D 77 -1.80 1.41 15.93
CA LYS D 77 -2.10 1.35 14.47
C LYS D 77 -3.53 1.82 14.23
N GLU D 78 -4.45 1.45 15.13
CA GLU D 78 -5.77 2.03 15.02
C GLU D 78 -5.78 3.55 15.08
N ASP D 79 -5.02 4.11 16.03
CA ASP D 79 -4.96 5.56 16.21
C ASP D 79 -4.44 6.27 14.91
N ILE D 80 -3.39 5.71 14.32
CA ILE D 80 -2.74 6.24 13.10
C ILE D 80 -3.79 6.21 11.98
N ALA D 81 -4.50 5.12 11.90
CA ALA D 81 -5.56 5.01 10.86
C ALA D 81 -6.66 6.03 11.13
N ALA D 82 -7.15 6.17 12.37
CA ALA D 82 -8.21 7.16 12.67
C ALA D 82 -7.81 8.60 12.38
N LEU D 83 -6.60 8.98 12.80
CA LEU D 83 -6.13 10.36 12.72
C LEU D 83 -5.73 10.67 11.26
N ASP D 84 -5.18 9.67 10.57
CA ASP D 84 -4.83 9.81 9.11
C ASP D 84 -6.14 10.05 8.36
N HIS D 85 -7.19 9.32 8.77
CA HIS D 85 -8.57 9.63 8.25
C HIS D 85 -9.04 11.07 8.37
N LEU D 86 -8.71 11.72 9.50
CA LEU D 86 -9.04 13.11 9.71
C LEU D 86 -8.01 14.10 9.11
N ARG D 87 -6.88 13.57 8.59
CA ARG D 87 -5.75 14.29 8.01
C ARG D 87 -5.06 15.16 9.07
N VAL D 88 -4.93 14.55 10.25
CA VAL D 88 -4.22 15.19 11.37
C VAL D 88 -2.99 14.34 11.75
N ALA D 89 -1.99 14.97 12.39
CA ALA D 89 -0.74 14.34 12.69
C ALA D 89 -0.93 13.61 14.08
N HIS D 90 -0.07 12.65 14.35
CA HIS D 90 -0.14 11.89 15.63
C HIS D 90 1.23 11.92 16.26
N ARG D 91 1.25 11.75 17.58
CA ARG D 91 2.53 11.53 18.29
C ARG D 91 2.18 10.61 19.48
N HIS D 92 2.85 9.46 19.57
CA HIS D 92 2.58 8.47 20.62
C HIS D 92 3.56 8.57 21.70
N GLY D 93 3.07 9.04 22.84
CA GLY D 93 3.93 9.17 24.00
C GLY D 93 4.31 7.88 24.70
N ARG D 94 5.05 8.05 25.77
CA ARG D 94 5.82 6.92 26.35
C ARG D 94 5.15 6.35 27.58
N PHE D 95 4.06 6.99 28.08
CA PHE D 95 3.55 6.66 29.45
C PHE D 95 2.67 5.40 29.28
N LEU D 96 2.77 4.48 30.25
CA LEU D 96 1.96 3.26 30.21
C LEU D 96 0.52 3.47 30.74
N ASP D 97 -0.41 2.98 29.93
CA ASP D 97 -1.86 2.94 30.34
C ASP D 97 -1.94 2.35 31.77
N SER D 98 -3.02 2.72 32.51
CA SER D 98 -3.11 2.40 33.93
C SER D 98 -2.94 0.90 34.21
N ILE D 99 -3.43 0.07 33.30
CA ILE D 99 -3.39 -1.41 33.44
C ILE D 99 -1.99 -2.01 33.36
N TYR D 100 -1.01 -1.23 32.99
CA TYR D 100 0.37 -1.67 32.94
C TYR D 100 1.30 -1.07 34.01
N ARG D 101 0.80 -0.11 34.80
CA ARG D 101 1.66 0.59 35.72
C ARG D 101 1.77 -0.14 37.04
N LYS D 102 2.94 -0.01 37.68
CA LYS D 102 3.17 -0.49 39.09
C LYS D 102 3.38 0.70 39.98
N LEU D 103 2.95 0.57 41.24
CA LEU D 103 3.09 1.58 42.28
C LEU D 103 4.42 1.41 42.89
N PRO D 104 4.89 2.43 43.64
CA PRO D 104 6.27 2.37 44.15
C PRO D 104 6.47 1.20 45.05
N ASP D 105 5.43 0.76 45.76
CA ASP D 105 5.58 -0.44 46.63
C ASP D 105 5.59 -1.78 45.88
N GLY D 106 5.53 -1.75 44.55
CA GLY D 106 5.48 -3.01 43.78
C GLY D 106 4.08 -3.52 43.39
N ARG D 107 3.00 -3.05 44.01
CA ARG D 107 1.64 -3.48 43.59
C ARG D 107 1.37 -2.96 42.16
N TRP D 108 0.53 -3.69 41.41
CA TRP D 108 -0.06 -3.10 40.18
C TRP D 108 -0.97 -1.96 40.60
N LEU D 109 -0.99 -0.91 39.79
CA LEU D 109 -1.87 0.20 40.09
C LEU D 109 -3.32 -0.25 40.02
N THR D 110 -3.70 -1.09 39.05
CA THR D 110 -5.15 -1.46 38.86
C THR D 110 -5.28 -2.92 39.18
N ALA D 111 -6.38 -3.20 39.84
CA ALA D 111 -6.67 -4.55 40.22
C ALA D 111 -7.76 -5.02 39.37
N HIS D 112 -7.73 -6.33 39.18
CA HIS D 112 -8.74 -7.00 38.45
C HIS D 112 -9.97 -7.18 39.36
N VAL D 113 -11.17 -7.01 38.79
CA VAL D 113 -12.39 -7.17 39.61
C VAL D 113 -13.31 -8.19 38.93
N GLU D 114 -13.65 -9.22 39.70
CA GLU D 114 -14.58 -10.27 39.26
C GLU D 114 -15.91 -9.64 38.86
N GLY D 115 -16.45 -10.09 37.73
CA GLY D 115 -17.71 -9.60 37.21
C GLY D 115 -17.54 -8.44 36.22
N ARG D 116 -18.60 -7.65 36.07
CA ARG D 116 -18.65 -6.62 35.03
C ARG D 116 -17.70 -5.46 35.28
N GLN D 117 -17.36 -5.21 36.55
CA GLN D 117 -16.58 -4.02 36.92
C GLN D 117 -15.21 -4.03 36.25
N LYS D 118 -14.55 -5.19 36.29
CA LYS D 118 -13.32 -5.47 35.52
C LYS D 118 -12.09 -4.87 36.19
N LEU D 119 -12.17 -3.57 36.53
CA LEU D 119 -11.03 -2.80 37.05
C LEU D 119 -11.34 -1.92 38.22
N ALA D 120 -10.38 -1.76 39.15
CA ALA D 120 -10.52 -0.82 40.24
C ALA D 120 -9.11 -0.34 40.53
N VAL D 121 -8.91 0.96 40.77
CA VAL D 121 -7.52 1.43 41.07
C VAL D 121 -7.22 1.19 42.57
N ASN D 122 -6.05 0.69 42.87
CA ASN D 122 -5.57 0.49 44.27
C ASN D 122 -5.25 1.79 44.95
N ASP D 123 -5.61 1.91 46.25
CA ASP D 123 -5.37 3.14 46.95
C ASP D 123 -3.85 3.27 47.13
N HIS D 124 -3.36 4.48 47.14
CA HIS D 124 -1.90 4.73 47.14
C HIS D 124 -1.62 6.14 47.49
N SER D 125 -0.36 6.40 47.82
CA SER D 125 0.07 7.72 48.19
C SER D 125 -0.01 8.67 46.96
N PRO D 126 -0.51 9.89 47.13
CA PRO D 126 -0.55 10.87 46.07
C PRO D 126 0.85 11.19 45.55
N ASP D 127 1.90 10.80 46.27
CA ASP D 127 3.26 11.10 45.81
C ASP D 127 3.49 10.62 44.35
N SER D 128 3.16 9.37 44.10
CA SER D 128 3.35 8.80 42.75
C SER D 128 2.48 9.52 41.70
N ASP D 129 1.26 9.99 42.04
CA ASP D 129 0.39 10.72 41.12
C ASP D 129 1.07 12.05 40.75
N HIS D 130 1.57 12.77 41.78
CA HIS D 130 2.27 14.04 41.50
C HIS D 130 3.49 13.80 40.68
N ASP D 131 4.23 12.71 40.93
CA ASP D 131 5.47 12.45 40.16
C ASP D 131 5.15 12.13 38.68
N LEU D 132 4.03 11.43 38.49
CA LEU D 132 3.54 11.16 37.09
C LEU D 132 3.15 12.43 36.41
N VAL D 133 2.39 13.33 37.06
CA VAL D 133 2.03 14.57 36.42
C VAL D 133 3.26 15.36 36.06
N GLY D 134 4.24 15.32 36.95
CA GLY D 134 5.50 16.07 36.64
C GLY D 134 6.19 15.58 35.37
N GLU D 135 6.33 14.25 35.22
CA GLU D 135 6.96 13.68 34.10
C GLU D 135 6.16 13.96 32.81
N VAL D 136 4.85 13.81 32.91
CA VAL D 136 3.97 14.06 31.73
C VAL D 136 4.08 15.56 31.39
N ALA D 137 4.04 16.46 32.38
CA ALA D 137 4.17 17.91 32.08
C ALA D 137 5.52 18.20 31.44
N ASP D 138 6.61 17.52 31.83
CA ASP D 138 7.87 17.72 31.10
C ASP D 138 7.78 17.33 29.65
N ASP D 139 7.17 16.19 29.34
CA ASP D 139 7.05 15.79 27.91
C ASP D 139 6.16 16.81 27.14
N ILE D 140 5.12 17.31 27.80
CA ILE D 140 4.19 18.22 27.13
C ILE D 140 4.93 19.53 26.85
N ARG D 141 5.73 19.98 27.82
CA ARG D 141 6.57 21.24 27.63
C ARG D 141 7.51 21.10 26.44
N SER D 142 8.16 19.94 26.30
CA SER D 142 9.06 19.63 25.11
C SER D 142 8.28 19.73 23.80
N ILE D 143 7.03 19.24 23.81
CA ILE D 143 6.22 19.22 22.60
C ILE D 143 5.71 20.64 22.33
N ILE D 144 5.33 21.37 23.35
CA ILE D 144 4.91 22.78 23.13
C ILE D 144 6.10 23.53 22.48
N ASP D 145 7.32 23.26 22.97
CA ASP D 145 8.51 23.99 22.43
C ASP D 145 8.80 23.57 20.96
N GLU D 146 8.53 22.31 20.60
CA GLU D 146 8.80 21.83 19.26
C GLU D 146 7.67 22.22 18.25
N PHE D 147 6.41 22.02 18.66
CA PHE D 147 5.24 22.27 17.84
C PHE D 147 4.70 23.72 17.81
N ASP D 148 4.94 24.49 18.87
CA ASP D 148 4.54 25.86 19.08
C ASP D 148 3.05 26.00 18.84
N PRO D 149 2.22 25.27 19.60
CA PRO D 149 0.79 25.40 19.34
C PRO D 149 0.26 26.80 19.64
N THR D 150 -0.81 27.19 18.93
CA THR D 150 -1.54 28.37 19.35
C THR D 150 -2.71 28.03 20.26
N LEU D 151 -3.07 26.75 20.31
CA LEU D 151 -4.14 26.32 21.21
C LEU D 151 -3.84 24.89 21.60
N VAL D 152 -4.09 24.58 22.86
CA VAL D 152 -4.03 23.19 23.33
C VAL D 152 -5.44 22.79 23.83
N VAL D 153 -5.89 21.57 23.45
CA VAL D 153 -7.14 21.04 23.96
C VAL D 153 -6.84 19.65 24.55
N THR D 154 -7.36 19.45 25.70
CA THR D 154 -7.20 18.09 26.39
C THR D 154 -8.47 17.71 27.13
N CYS D 155 -8.41 16.66 27.96
CA CYS D 155 -9.65 16.18 28.59
C CYS D 155 -10.03 16.83 29.90
N ALA D 156 -11.32 17.00 30.13
CA ALA D 156 -11.76 17.40 31.47
C ALA D 156 -11.56 16.37 32.56
N ALA D 157 -11.43 15.10 32.19
CA ALA D 157 -11.37 13.95 33.14
C ALA D 157 -12.67 13.77 33.88
N ILE D 158 -13.74 14.11 33.16
CA ILE D 158 -15.09 13.64 33.59
C ILE D 158 -15.07 12.09 33.66
N GLY D 159 -15.41 11.53 34.82
CA GLY D 159 -15.24 10.02 34.95
C GLY D 159 -14.15 9.63 35.92
N GLU D 160 -13.21 10.54 36.16
CA GLU D 160 -12.08 10.46 37.05
C GLU D 160 -11.12 9.34 36.75
N HIS D 161 -11.03 8.96 35.48
CA HIS D 161 -9.97 8.06 35.14
C HIS D 161 -8.61 8.68 35.51
N PRO D 162 -7.74 7.94 36.22
CA PRO D 162 -6.49 8.50 36.76
C PRO D 162 -5.57 8.99 35.63
N ASP D 163 -5.59 8.30 34.49
CA ASP D 163 -4.77 8.70 33.31
C ASP D 163 -5.31 10.02 32.79
N ASN D 164 -6.62 10.12 32.76
CA ASN D 164 -7.22 11.33 32.21
C ASN D 164 -6.90 12.52 33.17
N GLU D 165 -6.98 12.27 34.47
CA GLU D 165 -6.64 13.29 35.46
C GLU D 165 -5.18 13.71 35.34
N ALA D 166 -4.27 12.72 35.18
CA ALA D 166 -2.87 13.10 35.06
C ALA D 166 -2.62 13.88 33.75
N THR D 167 -3.25 13.50 32.65
CA THR D 167 -3.10 14.20 31.34
C THR D 167 -3.55 15.65 31.48
N ARG D 168 -4.74 15.82 32.01
CA ARG D 168 -5.35 17.12 32.24
C ARG D 168 -4.46 17.99 33.13
N ASP D 169 -4.07 17.53 34.31
CA ASP D 169 -3.31 18.34 35.22
C ASP D 169 -1.95 18.71 34.61
N ALA D 170 -1.28 17.71 34.01
CA ALA D 170 -0.02 18.00 33.31
C ALA D 170 -0.12 19.05 32.19
N ALA D 171 -1.22 19.04 31.44
CA ALA D 171 -1.38 20.00 30.34
C ALA D 171 -1.67 21.39 30.93
N LEU D 172 -2.39 21.41 32.05
CA LEU D 172 -2.70 22.68 32.77
C LEU D 172 -1.39 23.32 33.25
N PHE D 173 -0.52 22.54 33.87
CA PHE D 173 0.75 23.09 34.36
C PHE D 173 1.63 23.51 33.20
N ALA D 174 1.65 22.75 32.13
CA ALA D 174 2.59 23.05 31.06
C ALA D 174 2.12 24.23 30.25
N THR D 175 0.82 24.29 29.96
CA THR D 175 0.31 25.41 29.16
C THR D 175 0.30 26.68 29.99
N HIS D 176 0.13 26.60 31.29
CA HIS D 176 0.27 27.84 32.08
C HIS D 176 1.68 28.36 32.01
N GLU D 177 2.66 27.46 32.17
CA GLU D 177 4.07 27.85 32.13
C GLU D 177 4.49 28.42 30.78
N LYS D 178 4.02 27.83 29.67
CA LYS D 178 4.35 28.21 28.32
C LYS D 178 3.44 29.23 27.62
N ASN D 179 2.55 29.89 28.37
CA ASN D 179 1.65 30.88 27.85
C ASN D 179 0.93 30.42 26.60
N VAL D 180 0.35 29.21 26.66
CA VAL D 180 -0.54 28.77 25.59
C VAL D 180 -2.01 28.62 26.12
N PRO D 181 -3.03 29.14 25.41
CA PRO D 181 -4.43 28.91 25.84
C PRO D 181 -4.78 27.46 25.86
N VAL D 182 -5.57 27.08 26.84
CA VAL D 182 -5.99 25.65 26.96
C VAL D 182 -7.51 25.53 27.13
N ARG D 183 -8.08 24.46 26.58
CA ARG D 183 -9.48 24.09 26.82
C ARG D 183 -9.55 22.65 27.17
N LEU D 184 -10.66 22.31 27.85
CA LEU D 184 -10.95 20.90 28.15
C LEU D 184 -12.17 20.45 27.37
N TRP D 185 -12.11 19.22 26.86
CA TRP D 185 -13.27 18.65 26.18
C TRP D 185 -14.09 17.82 27.18
N GLU D 186 -15.38 17.66 26.91
CA GLU D 186 -16.26 16.83 27.76
C GLU D 186 -15.93 15.32 27.45
N ASP D 187 -15.40 14.59 28.41
CA ASP D 187 -14.99 13.16 28.09
C ASP D 187 -16.17 12.31 27.73
N LEU D 188 -16.09 11.67 26.56
CA LEU D 188 -17.09 10.68 26.09
C LEU D 188 -16.46 9.30 26.15
N PRO D 189 -17.23 8.26 26.54
CA PRO D 189 -18.67 8.32 26.82
C PRO D 189 -18.99 8.72 28.24
N TYR D 190 -17.98 9.00 29.10
CA TYR D 190 -18.16 9.24 30.53
C TYR D 190 -19.28 10.26 30.87
N ALA D 191 -19.32 11.33 30.08
CA ALA D 191 -20.35 12.39 30.33
C ALA D 191 -21.80 11.90 30.20
N VAL D 192 -22.05 10.86 29.42
CA VAL D 192 -23.41 10.25 29.33
C VAL D 192 -23.87 9.59 30.66
N PHE D 193 -22.94 9.07 31.46
CA PHE D 193 -23.25 8.37 32.73
C PHE D 193 -22.57 8.89 33.98
N LYS D 194 -21.82 10.00 33.87
CA LYS D 194 -21.14 10.55 35.00
C LYS D 194 -21.48 12.02 35.10
N SER D 195 -21.27 12.54 36.30
CA SER D 195 -21.43 13.98 36.56
C SER D 195 -20.35 14.71 35.75
N GLY D 196 -20.75 15.82 35.13
CA GLY D 196 -19.77 16.68 34.47
C GLY D 196 -18.89 17.53 35.38
N ALA D 197 -19.23 17.65 36.67
CA ALA D 197 -18.56 18.59 37.53
C ALA D 197 -17.22 18.00 37.90
N VAL D 198 -16.13 18.65 37.44
CA VAL D 198 -14.81 18.17 37.79
C VAL D 198 -14.11 19.12 38.75
N GLU D 199 -13.13 18.60 39.48
CA GLU D 199 -12.32 19.36 40.41
C GLU D 199 -10.92 19.51 39.85
N LEU D 200 -10.42 20.75 39.66
CA LEU D 200 -9.15 20.95 39.00
C LEU D 200 -8.11 21.21 40.02
N PRO D 201 -6.83 21.13 39.68
CA PRO D 201 -5.81 21.48 40.66
C PRO D 201 -5.89 22.92 41.14
N GLN D 202 -5.40 23.15 42.34
CA GLN D 202 -5.52 24.46 42.98
C GLN D 202 -4.96 25.56 42.10
N GLY D 203 -5.73 26.64 41.91
CA GLY D 203 -5.25 27.71 41.02
C GLY D 203 -5.89 27.75 39.67
N PHE D 204 -6.62 26.69 39.29
CA PHE D 204 -7.34 26.66 38.05
C PHE D 204 -8.84 26.56 38.19
N ARG D 205 -9.63 27.11 37.25
CA ARG D 205 -11.08 26.99 37.21
C ARG D 205 -11.56 27.01 35.76
N LEU D 206 -12.75 26.50 35.49
CA LEU D 206 -13.33 26.49 34.17
C LEU D 206 -13.98 27.83 33.88
N GLY D 207 -14.03 28.21 32.62
CA GLY D 207 -15.00 29.22 32.12
C GLY D 207 -16.33 28.63 31.66
N SER D 208 -17.09 29.42 30.90
CA SER D 208 -18.38 29.02 30.35
C SER D 208 -18.15 28.02 29.24
N ALA D 209 -19.03 27.03 29.15
CA ALA D 209 -18.99 26.04 28.09
C ALA D 209 -19.12 26.67 26.71
N ASP D 210 -18.35 26.17 25.76
CA ASP D 210 -18.73 26.36 24.38
C ASP D 210 -19.24 25.04 23.82
N VAL D 211 -20.41 25.07 23.21
CA VAL D 211 -20.94 23.92 22.54
C VAL D 211 -20.83 24.23 21.06
N SER D 212 -19.92 23.55 20.40
CA SER D 212 -19.73 23.75 18.97
C SER D 212 -20.99 23.35 18.19
N SER D 213 -21.10 23.86 16.98
CA SER D 213 -22.10 23.36 16.05
C SER D 213 -21.35 23.00 14.76
N VAL D 214 -21.25 21.70 14.43
CA VAL D 214 -20.43 21.33 13.24
C VAL D 214 -21.27 21.02 12.01
N LYS D 215 -20.62 21.20 10.85
CA LYS D 215 -21.17 20.81 9.56
C LYS D 215 -21.31 19.29 9.53
N PRO D 216 -22.25 18.74 8.72
CA PRO D 216 -22.44 17.26 8.75
C PRO D 216 -21.15 16.53 8.44
N GLU D 217 -20.39 17.08 7.50
CA GLU D 217 -19.19 16.38 7.03
C GLU D 217 -18.22 16.17 8.21
N ARG D 219 -19.11 15.79 11.54
CA ARG D 219 -19.58 14.64 12.23
C ARG D 219 -19.31 13.29 11.49
N SER D 220 -19.65 13.21 10.20
CA SER D 220 -19.26 12.08 9.40
C SER D 220 -17.82 11.71 9.54
N GLN D 221 -16.90 12.69 9.39
CA GLN D 221 -15.48 12.31 9.44
C GLN D 221 -15.12 11.70 10.84
N LYS D 222 -15.70 12.32 11.84
CA LYS D 222 -15.53 11.89 13.28
C LYS D 222 -16.05 10.51 13.56
N PHE D 223 -17.27 10.21 13.16
CA PHE D 223 -17.72 8.81 13.37
C PHE D 223 -17.00 7.78 12.55
N GLN D 224 -16.64 8.13 11.31
CA GLN D 224 -15.79 7.28 10.49
C GLN D 224 -14.47 7.02 11.22
N ALA D 225 -13.81 8.07 11.70
CA ALA D 225 -12.56 7.94 12.50
C ALA D 225 -12.70 7.04 13.76
N VAL D 226 -13.80 7.20 14.50
CA VAL D 226 -14.16 6.40 15.67
C VAL D 226 -14.14 4.90 15.27
N GLU D 227 -14.69 4.58 14.09
CA GLU D 227 -14.70 3.21 13.62
C GLU D 227 -13.38 2.54 13.49
N ARG D 228 -12.33 3.31 13.25
CA ARG D 228 -11.03 2.75 13.07
C ARG D 228 -10.46 2.15 14.37
N TYR D 229 -11.06 2.44 15.52
CA TYR D 229 -10.55 1.88 16.81
C TYR D 229 -11.33 0.58 17.07
N SER D 230 -11.22 -0.33 16.10
CA SER D 230 -11.95 -1.62 16.17
C SER D 230 -11.91 -2.36 17.52
N SER D 231 -10.75 -2.38 18.15
CA SER D 231 -10.56 -3.13 19.38
C SER D 231 -11.47 -2.68 20.56
N GLN D 232 -11.79 -1.40 20.58
CA GLN D 232 -12.56 -0.75 21.63
C GLN D 232 -14.04 -0.82 21.34
N LEU D 243 -22.83 4.25 22.00
CA LEU D 243 -22.84 3.93 20.57
C LEU D 243 -22.97 5.24 19.77
N PHE D 244 -22.87 5.17 18.44
CA PHE D 244 -23.02 6.37 17.62
C PHE D 244 -24.38 7.03 17.91
N ASP D 245 -25.38 6.21 18.28
CA ASP D 245 -26.73 6.70 18.64
C ASP D 245 -26.76 7.50 19.93
N ARG D 246 -26.10 6.97 20.95
CA ARG D 246 -25.93 7.68 22.23
C ARG D 246 -25.13 9.00 22.02
N LEU D 247 -24.08 8.93 21.21
CA LEU D 247 -23.30 10.10 20.76
C LEU D 247 -24.22 11.17 20.18
N ASP D 248 -25.04 10.77 19.20
CA ASP D 248 -25.97 11.68 18.55
C ASP D 248 -26.96 12.22 19.62
N GLU D 249 -27.59 11.33 20.37
CA GLU D 249 -28.57 11.81 21.37
C GLU D 249 -27.94 12.78 22.35
N HIS D 250 -26.71 12.48 22.80
CA HIS D 250 -26.06 13.33 23.79
C HIS D 250 -25.79 14.76 23.31
N ALA D 251 -25.23 14.87 22.11
CA ALA D 251 -25.01 16.17 21.48
C ALA D 251 -26.38 16.87 21.25
N ARG D 252 -27.40 16.11 20.83
CA ARG D 252 -28.77 16.66 20.58
C ARG D 252 -29.19 17.32 21.89
N GLN D 253 -29.16 16.54 22.97
CA GLN D 253 -29.53 17.01 24.30
C GLN D 253 -28.79 18.23 24.83
N ASN D 254 -27.55 18.47 24.39
CA ASN D 254 -26.89 19.71 24.82
C ASN D 254 -26.83 20.87 23.84
N ALA D 255 -27.34 20.67 22.63
CA ALA D 255 -27.34 21.73 21.62
C ALA D 255 -28.24 22.87 22.10
N PRO D 256 -27.68 24.10 22.17
CA PRO D 256 -28.52 25.29 22.44
C PRO D 256 -29.38 25.63 21.23
N HIS D 257 -29.14 24.88 20.14
CA HIS D 257 -29.89 24.88 18.87
C HIS D 257 -29.02 24.15 17.86
N GLY D 258 -29.67 23.42 16.96
CA GLY D 258 -29.00 22.87 15.78
C GLY D 258 -28.33 21.51 15.91
N GLY D 259 -27.25 21.34 15.14
CA GLY D 259 -26.65 20.03 14.81
C GLY D 259 -25.71 19.30 15.77
N TYR D 260 -24.75 18.56 15.22
CA TYR D 260 -23.85 17.80 16.07
C TYR D 260 -22.85 18.81 16.59
N GLY D 261 -22.23 18.47 17.72
CA GLY D 261 -21.29 19.39 18.37
C GLY D 261 -20.69 18.75 19.58
N GLU D 262 -19.65 19.39 20.13
CA GLU D 262 -18.92 18.91 21.31
C GLU D 262 -18.74 20.08 22.26
N THR D 263 -18.78 19.76 23.55
CA THR D 263 -18.70 20.76 24.57
C THR D 263 -17.26 20.88 25.05
N THR D 264 -16.76 22.10 25.10
CA THR D 264 -15.43 22.37 25.70
C THR D 264 -15.55 23.55 26.64
N TRP D 265 -14.61 23.64 27.58
CA TRP D 265 -14.45 24.81 28.50
C TRP D 265 -13.05 25.38 28.42
N PRO D 266 -12.89 26.70 28.41
CA PRO D 266 -11.51 27.26 28.61
C PRO D 266 -11.12 27.07 30.06
N VAL D 267 -9.83 26.93 30.36
CA VAL D 267 -9.40 26.86 31.75
C VAL D 267 -8.54 28.09 32.02
N VAL D 268 -8.89 28.79 33.07
CA VAL D 268 -8.20 29.99 33.41
C VAL D 268 -7.72 29.92 34.89
N ARG D 269 -6.97 30.92 35.35
CA ARG D 269 -6.55 30.98 36.74
C ARG D 269 -7.66 31.55 37.59
N SER D 270 -7.77 31.01 38.78
CA SER D 270 -8.63 31.53 39.81
C SER D 270 -8.11 32.91 40.30
N ASP D 271 -9.04 33.68 40.77
CA ASP D 271 -8.76 34.94 41.46
C ASP D 271 -8.00 34.66 42.73
N ASP D 272 -7.07 35.56 43.05
CA ASP D 272 -6.10 35.42 44.15
C ASP D 272 -5.22 34.18 44.06
N SER D 273 -5.16 33.56 42.91
CA SER D 273 -4.43 32.29 42.80
C SER D 273 -3.03 32.58 42.37
#